data_1CTA
# 
_entry.id   1CTA 
# 
_audit_conform.dict_name       mmcif_pdbx.dic 
_audit_conform.dict_version    5.397 
_audit_conform.dict_location   http://mmcif.pdb.org/dictionaries/ascii/mmcif_pdbx.dic 
# 
loop_
_database_2.database_id 
_database_2.database_code 
_database_2.pdbx_database_accession 
_database_2.pdbx_DOI 
PDB   1CTA         pdb_00001cta 10.2210/pdb1cta/pdb 
WWPDB D_1000172515 ?            ?                   
# 
loop_
_pdbx_audit_revision_history.ordinal 
_pdbx_audit_revision_history.data_content_type 
_pdbx_audit_revision_history.major_revision 
_pdbx_audit_revision_history.minor_revision 
_pdbx_audit_revision_history.revision_date 
1 'Structure model' 1 0 1993-10-31 
2 'Structure model' 1 1 2008-03-24 
3 'Structure model' 1 2 2011-07-13 
4 'Structure model' 1 3 2022-02-16 
5 'Structure model' 1 4 2024-10-23 
# 
_pdbx_audit_revision_details.ordinal             1 
_pdbx_audit_revision_details.revision_ordinal    1 
_pdbx_audit_revision_details.data_content_type   'Structure model' 
_pdbx_audit_revision_details.provider            repository 
_pdbx_audit_revision_details.type                'Initial release' 
_pdbx_audit_revision_details.description         ? 
_pdbx_audit_revision_details.details             ? 
# 
loop_
_pdbx_audit_revision_group.ordinal 
_pdbx_audit_revision_group.revision_ordinal 
_pdbx_audit_revision_group.data_content_type 
_pdbx_audit_revision_group.group 
1 2 'Structure model' 'Version format compliance' 
2 3 'Structure model' 'Version format compliance' 
3 4 'Structure model' 'Database references'       
4 4 'Structure model' 'Derived calculations'      
5 4 'Structure model' Other                       
6 5 'Structure model' 'Data collection'           
7 5 'Structure model' 'Structure summary'         
# 
loop_
_pdbx_audit_revision_category.ordinal 
_pdbx_audit_revision_category.revision_ordinal 
_pdbx_audit_revision_category.data_content_type 
_pdbx_audit_revision_category.category 
1  4 'Structure model' database_2                
2  4 'Structure model' pdbx_database_status      
3  4 'Structure model' pdbx_struct_assembly      
4  4 'Structure model' pdbx_struct_conn_angle    
5  4 'Structure model' pdbx_struct_oper_list     
6  4 'Structure model' struct_conn               
7  4 'Structure model' struct_ref_seq_dif        
8  4 'Structure model' struct_site               
9  5 'Structure model' chem_comp_atom            
10 5 'Structure model' chem_comp_bond            
11 5 'Structure model' pdbx_entry_details        
12 5 'Structure model' pdbx_modification_feature 
# 
loop_
_pdbx_audit_revision_item.ordinal 
_pdbx_audit_revision_item.revision_ordinal 
_pdbx_audit_revision_item.data_content_type 
_pdbx_audit_revision_item.item 
1  4 'Structure model' '_database_2.pdbx_DOI'                        
2  4 'Structure model' '_database_2.pdbx_database_accession'         
3  4 'Structure model' '_pdbx_database_status.process_site'          
4  4 'Structure model' '_pdbx_struct_conn_angle.ptnr1_auth_comp_id'  
5  4 'Structure model' '_pdbx_struct_conn_angle.ptnr1_auth_seq_id'   
6  4 'Structure model' '_pdbx_struct_conn_angle.ptnr1_label_atom_id' 
7  4 'Structure model' '_pdbx_struct_conn_angle.ptnr1_label_comp_id' 
8  4 'Structure model' '_pdbx_struct_conn_angle.ptnr1_label_seq_id'  
9  4 'Structure model' '_pdbx_struct_conn_angle.ptnr3_auth_comp_id'  
10 4 'Structure model' '_pdbx_struct_conn_angle.ptnr3_auth_seq_id'   
11 4 'Structure model' '_pdbx_struct_conn_angle.ptnr3_label_atom_id' 
12 4 'Structure model' '_pdbx_struct_conn_angle.ptnr3_label_comp_id' 
13 4 'Structure model' '_pdbx_struct_conn_angle.ptnr3_label_seq_id'  
14 4 'Structure model' '_pdbx_struct_conn_angle.value'               
15 4 'Structure model' '_struct_conn.conn_type_id'                   
16 4 'Structure model' '_struct_conn.id'                             
17 4 'Structure model' '_struct_conn.pdbx_dist_value'                
18 4 'Structure model' '_struct_conn.pdbx_leaving_atom_flag'         
19 4 'Structure model' '_struct_conn.ptnr1_auth_asym_id'             
20 4 'Structure model' '_struct_conn.ptnr1_auth_comp_id'             
21 4 'Structure model' '_struct_conn.ptnr1_auth_seq_id'              
22 4 'Structure model' '_struct_conn.ptnr1_label_asym_id'            
23 4 'Structure model' '_struct_conn.ptnr1_label_atom_id'            
24 4 'Structure model' '_struct_conn.ptnr1_label_comp_id'            
25 4 'Structure model' '_struct_conn.ptnr1_label_seq_id'             
26 4 'Structure model' '_struct_conn.ptnr2_auth_asym_id'             
27 4 'Structure model' '_struct_conn.ptnr2_auth_comp_id'             
28 4 'Structure model' '_struct_conn.ptnr2_auth_seq_id'              
29 4 'Structure model' '_struct_conn.ptnr2_label_asym_id'            
30 4 'Structure model' '_struct_conn.ptnr2_label_atom_id'            
31 4 'Structure model' '_struct_conn.ptnr2_label_comp_id'            
32 4 'Structure model' '_struct_conn.ptnr2_label_seq_id'             
33 4 'Structure model' '_struct_ref_seq_dif.details'                 
34 4 'Structure model' '_struct_site.pdbx_auth_asym_id'              
35 4 'Structure model' '_struct_site.pdbx_auth_comp_id'              
36 4 'Structure model' '_struct_site.pdbx_auth_seq_id'               
# 
_pdbx_database_status.status_code                     REL 
_pdbx_database_status.entry_id                        1CTA 
_pdbx_database_status.recvd_initial_deposition_date   1992-11-12 
_pdbx_database_status.deposit_site                    ? 
_pdbx_database_status.process_site                    BNL 
_pdbx_database_status.SG_entry                        . 
_pdbx_database_status.pdb_format_compatible           Y 
_pdbx_database_status.status_code_mr                  ? 
_pdbx_database_status.status_code_sf                  ? 
_pdbx_database_status.status_code_cs                  ? 
_pdbx_database_status.status_code_nmr_data            ? 
_pdbx_database_status.methods_development_category    ? 
# 
_pdbx_database_related.db_name        PDB 
_pdbx_database_related.db_id          1CTD 
_pdbx_database_related.details        . 
_pdbx_database_related.content_type   ensemble 
# 
loop_
_audit_author.name 
_audit_author.pdbx_ordinal 
'Shaw, G.S.'  1 
'Sykes, B.D.' 2 
# 
_citation.id                        primary 
_citation.title                     
'Determination of the solution structure of a synthetic two-site calcium-binding homodimeric protein domain by NMR spectroscopy.' 
_citation.journal_abbrev            Biochemistry 
_citation.journal_volume            31 
_citation.page_first                9572 
_citation.page_last                 9580 
_citation.year                      1992 
_citation.journal_id_ASTM           BICHAW 
_citation.country                   US 
_citation.journal_id_ISSN           0006-2960 
_citation.journal_id_CSD            0033 
_citation.book_publisher            ? 
_citation.pdbx_database_id_PubMed   1390738 
_citation.pdbx_database_id_DOI      10.1021/bi00155a009 
# 
loop_
_citation_author.citation_id 
_citation_author.name 
_citation_author.ordinal 
_citation_author.identifier_ORCID 
primary 'Shaw, G.S.'   1 ? 
primary 'Hodges, R.S.' 2 ? 
primary 'Sykes, B.D.'  3 ? 
# 
loop_
_entity.id 
_entity.type 
_entity.src_method 
_entity.pdbx_description 
_entity.formula_weight 
_entity.pdbx_number_of_molecules 
_entity.pdbx_ec 
_entity.pdbx_mutation 
_entity.pdbx_fragment 
_entity.details 
1 polymer     man 'TROPONIN C SITE III - SITE III HOMODIMER' 3856.234 2 ? ? ? ? 
2 non-polymer syn 'CALCIUM ION'                              40.078   2 ? ? ? ? 
# 
_entity_poly.entity_id                      1 
_entity_poly.type                           'polypeptide(L)' 
_entity_poly.nstd_linkage                   no 
_entity_poly.nstd_monomer                   yes 
_entity_poly.pdbx_seq_one_letter_code       '(ACE)KSEEELANAFRIFDKNADGYIDIEELGEILRATG(NH2)' 
_entity_poly.pdbx_seq_one_letter_code_can   XKSEEELANAFRIFDKNADGYIDIEELGEILRATGX 
_entity_poly.pdbx_strand_id                 A,B 
_entity_poly.pdbx_target_identifier         ? 
# 
_pdbx_entity_nonpoly.entity_id   2 
_pdbx_entity_nonpoly.name        'CALCIUM ION' 
_pdbx_entity_nonpoly.comp_id     CA 
# 
loop_
_entity_poly_seq.entity_id 
_entity_poly_seq.num 
_entity_poly_seq.mon_id 
_entity_poly_seq.hetero 
1 1  ACE n 
1 2  LYS n 
1 3  SER n 
1 4  GLU n 
1 5  GLU n 
1 6  GLU n 
1 7  LEU n 
1 8  ALA n 
1 9  ASN n 
1 10 ALA n 
1 11 PHE n 
1 12 ARG n 
1 13 ILE n 
1 14 PHE n 
1 15 ASP n 
1 16 LYS n 
1 17 ASN n 
1 18 ALA n 
1 19 ASP n 
1 20 GLY n 
1 21 TYR n 
1 22 ILE n 
1 23 ASP n 
1 24 ILE n 
1 25 GLU n 
1 26 GLU n 
1 27 LEU n 
1 28 GLY n 
1 29 GLU n 
1 30 ILE n 
1 31 LEU n 
1 32 ARG n 
1 33 ALA n 
1 34 THR n 
1 35 GLY n 
1 36 NH2 n 
# 
loop_
_chem_comp.id 
_chem_comp.type 
_chem_comp.mon_nstd_flag 
_chem_comp.name 
_chem_comp.pdbx_synonyms 
_chem_comp.formula 
_chem_comp.formula_weight 
ACE non-polymer         . 'ACETYL GROUP'  ? 'C2 H4 O'        44.053  
ALA 'L-peptide linking' y ALANINE         ? 'C3 H7 N O2'     89.093  
ARG 'L-peptide linking' y ARGININE        ? 'C6 H15 N4 O2 1' 175.209 
ASN 'L-peptide linking' y ASPARAGINE      ? 'C4 H8 N2 O3'    132.118 
ASP 'L-peptide linking' y 'ASPARTIC ACID' ? 'C4 H7 N O4'     133.103 
CA  non-polymer         . 'CALCIUM ION'   ? 'Ca 2'           40.078  
CYS 'L-peptide linking' y CYSTEINE        ? 'C3 H7 N O2 S'   121.158 
GLU 'L-peptide linking' y 'GLUTAMIC ACID' ? 'C5 H9 N O4'     147.129 
GLY 'peptide linking'   y GLYCINE         ? 'C2 H5 N O2'     75.067  
ILE 'L-peptide linking' y ISOLEUCINE      ? 'C6 H13 N O2'    131.173 
LEU 'L-peptide linking' y LEUCINE         ? 'C6 H13 N O2'    131.173 
LYS 'L-peptide linking' y LYSINE          ? 'C6 H15 N2 O2 1' 147.195 
NH2 non-polymer         . 'AMINO GROUP'   ? 'H2 N'           16.023  
PHE 'L-peptide linking' y PHENYLALANINE   ? 'C9 H11 N O2'    165.189 
SER 'L-peptide linking' y SERINE          ? 'C3 H7 N O3'     105.093 
THR 'L-peptide linking' y THREONINE       ? 'C4 H9 N O3'     119.119 
TYR 'L-peptide linking' y TYROSINE        ? 'C9 H11 N O3'    181.189 
# 
loop_
_pdbx_poly_seq_scheme.asym_id 
_pdbx_poly_seq_scheme.entity_id 
_pdbx_poly_seq_scheme.seq_id 
_pdbx_poly_seq_scheme.mon_id 
_pdbx_poly_seq_scheme.ndb_seq_num 
_pdbx_poly_seq_scheme.pdb_seq_num 
_pdbx_poly_seq_scheme.auth_seq_num 
_pdbx_poly_seq_scheme.pdb_mon_id 
_pdbx_poly_seq_scheme.auth_mon_id 
_pdbx_poly_seq_scheme.pdb_strand_id 
_pdbx_poly_seq_scheme.pdb_ins_code 
_pdbx_poly_seq_scheme.hetero 
A 1 1  ACE 1  0  0  ACE ACE A . n 
A 1 2  LYS 2  1  1  LYS LYS A . n 
A 1 3  SER 3  2  2  SER SER A . n 
A 1 4  GLU 4  3  3  GLU GLU A . n 
A 1 5  GLU 5  4  4  GLU GLU A . n 
A 1 6  GLU 6  5  5  GLU GLU A . n 
A 1 7  LEU 7  6  6  LEU LEU A . n 
A 1 8  ALA 8  7  7  ALA ALA A . n 
A 1 9  ASN 9  8  8  ASN ASN A . n 
A 1 10 ALA 10 9  9  ALA ALA A . n 
A 1 11 PHE 11 10 10 PHE PHE A . n 
A 1 12 ARG 12 11 11 ARG ARG A . n 
A 1 13 ILE 13 12 12 ILE ILE A . n 
A 1 14 PHE 14 13 13 PHE PHE A . n 
A 1 15 ASP 15 14 14 ASP ASP A . n 
A 1 16 LYS 16 15 15 LYS LYS A . n 
A 1 17 ASN 17 16 16 ASN ASN A . n 
A 1 18 ALA 18 17 17 ALA ALA A . n 
A 1 19 ASP 19 18 18 ASP ASP A . n 
A 1 20 GLY 20 19 19 GLY GLY A . n 
A 1 21 TYR 21 20 20 TYR TYR A . n 
A 1 22 ILE 22 21 21 ILE ILE A . n 
A 1 23 ASP 23 22 22 ASP ASP A . n 
A 1 24 ILE 24 23 23 ILE ILE A . n 
A 1 25 GLU 25 24 24 GLU GLU A . n 
A 1 26 GLU 26 25 25 GLU GLU A . n 
A 1 27 LEU 27 26 26 LEU LEU A . n 
A 1 28 GLY 28 27 27 GLY GLY A . n 
A 1 29 GLU 29 28 28 GLU GLU A . n 
A 1 30 ILE 30 29 29 ILE ILE A . n 
A 1 31 LEU 31 30 30 LEU LEU A . n 
A 1 32 ARG 32 31 31 ARG ARG A . n 
A 1 33 ALA 33 32 32 ALA ALA A . n 
A 1 34 THR 34 33 33 THR THR A . n 
A 1 35 GLY 35 34 34 GLY GLY A . n 
A 1 36 NH2 36 35 35 NH2 NH2 A . n 
B 1 1  ACE 1  0  0  ACE ACE B . n 
B 1 2  LYS 2  1  1  LYS LYS B . n 
B 1 3  SER 3  2  2  SER SER B . n 
B 1 4  GLU 4  3  3  GLU GLU B . n 
B 1 5  GLU 5  4  4  GLU GLU B . n 
B 1 6  GLU 6  5  5  GLU GLU B . n 
B 1 7  LEU 7  6  6  LEU LEU B . n 
B 1 8  ALA 8  7  7  ALA ALA B . n 
B 1 9  ASN 9  8  8  ASN ASN B . n 
B 1 10 ALA 10 9  9  ALA ALA B . n 
B 1 11 PHE 11 10 10 PHE PHE B . n 
B 1 12 ARG 12 11 11 ARG ARG B . n 
B 1 13 ILE 13 12 12 ILE ILE B . n 
B 1 14 PHE 14 13 13 PHE PHE B . n 
B 1 15 ASP 15 14 14 ASP ASP B . n 
B 1 16 LYS 16 15 15 LYS LYS B . n 
B 1 17 ASN 17 16 16 ASN ASN B . n 
B 1 18 ALA 18 17 17 ALA ALA B . n 
B 1 19 ASP 19 18 18 ASP ASP B . n 
B 1 20 GLY 20 19 19 GLY GLY B . n 
B 1 21 TYR 21 20 20 TYR TYR B . n 
B 1 22 ILE 22 21 21 ILE ILE B . n 
B 1 23 ASP 23 22 22 ASP ASP B . n 
B 1 24 ILE 24 23 23 ILE ILE B . n 
B 1 25 GLU 25 24 24 GLU GLU B . n 
B 1 26 GLU 26 25 25 GLU GLU B . n 
B 1 27 LEU 27 26 26 LEU LEU B . n 
B 1 28 GLY 28 27 27 GLY GLY B . n 
B 1 29 GLU 29 28 28 GLU GLU B . n 
B 1 30 ILE 30 29 29 ILE ILE B . n 
B 1 31 LEU 31 30 30 LEU LEU B . n 
B 1 32 ARG 32 31 31 ARG ARG B . n 
B 1 33 ALA 33 32 32 ALA ALA B . n 
B 1 34 THR 34 33 33 THR THR B . n 
B 1 35 GLY 35 34 34 GLY GLY B . n 
B 1 36 NH2 36 35 35 NH2 NH2 B . n 
# 
loop_
_pdbx_nonpoly_scheme.asym_id 
_pdbx_nonpoly_scheme.entity_id 
_pdbx_nonpoly_scheme.mon_id 
_pdbx_nonpoly_scheme.ndb_seq_num 
_pdbx_nonpoly_scheme.pdb_seq_num 
_pdbx_nonpoly_scheme.auth_seq_num 
_pdbx_nonpoly_scheme.pdb_mon_id 
_pdbx_nonpoly_scheme.auth_mon_id 
_pdbx_nonpoly_scheme.pdb_strand_id 
_pdbx_nonpoly_scheme.pdb_ins_code 
C 2 CA 1 69 69 CA CA A . 
D 2 CA 1 70 70 CA CA B . 
# 
_cell.entry_id           1CTA 
_cell.length_a           1.000 
_cell.length_b           1.000 
_cell.length_c           1.000 
_cell.angle_alpha        90.00 
_cell.angle_beta         90.00 
_cell.angle_gamma        90.00 
_cell.Z_PDB              1 
_cell.pdbx_unique_axis   ? 
# 
_symmetry.entry_id                         1CTA 
_symmetry.space_group_name_H-M             'P 1' 
_symmetry.pdbx_full_space_group_name_H-M   ? 
_symmetry.cell_setting                     ? 
_symmetry.Int_Tables_number                1 
# 
_exptl.entry_id          1CTA 
_exptl.method            'SOLUTION NMR' 
_exptl.crystals_number   ? 
# 
_struct.entry_id                  1CTA 
_struct.title                     
'DETERMINATION OF THE SOLUTION STRUCTURE OF A SYNTHETIC TWO-SITE CALCIUM-BINDING HOMODIMERIC PROTEIN DOMAIN BY NMR SPECTROSCOPY' 
_struct.pdbx_model_details        ? 
_struct.pdbx_CASP_flag            ? 
_struct.pdbx_model_type_details   ? 
# 
_struct_keywords.entry_id        1CTA 
_struct_keywords.pdbx_keywords   'MUSCLE PROTEIN' 
_struct_keywords.text            'MUSCLE PROTEIN' 
# 
loop_
_struct_asym.id 
_struct_asym.pdbx_blank_PDB_chainid_flag 
_struct_asym.pdbx_modified 
_struct_asym.entity_id 
_struct_asym.details 
A N N 1 ? 
B N N 1 ? 
C N N 2 ? 
D N N 2 ? 
# 
_struct_ref.id                         1 
_struct_ref.db_name                    UNP 
_struct_ref.db_code                    TPCS_CHICK 
_struct_ref.entity_id                  1 
_struct_ref.pdbx_db_accession          P02588 
_struct_ref.pdbx_align_begin           1 
_struct_ref.pdbx_seq_one_letter_code   
;ASMTDQQAEARAFLSEEMIAEFKAAFDMFDADGGGDISTKELGTVMRMLGQNPTKEELDAIIEEVDEDGSGTIDFEEFLV
MMVRQMKEDAKGKSEEELANCFRIFDKNADGFIDIEELGEILRATGEHVTEEDIEDLMKDSDKNNDGRIDFDEFLKMMEG
VQ
;
_struct_ref.pdbx_db_isoform            ? 
# 
loop_
_struct_ref_seq.align_id 
_struct_ref_seq.ref_id 
_struct_ref_seq.pdbx_PDB_id_code 
_struct_ref_seq.pdbx_strand_id 
_struct_ref_seq.seq_align_beg 
_struct_ref_seq.pdbx_seq_align_beg_ins_code 
_struct_ref_seq.seq_align_end 
_struct_ref_seq.pdbx_seq_align_end_ins_code 
_struct_ref_seq.pdbx_db_accession 
_struct_ref_seq.db_align_beg 
_struct_ref_seq.pdbx_db_align_beg_ins_code 
_struct_ref_seq.db_align_end 
_struct_ref_seq.pdbx_db_align_end_ins_code 
_struct_ref_seq.pdbx_auth_seq_align_beg 
_struct_ref_seq.pdbx_auth_seq_align_end 
1 1 1CTA A 2 ? 35 ? P02588 93 ? 126 ? 1 34 
2 1 1CTA B 2 ? 35 ? P02588 93 ? 126 ? 1 34 
# 
loop_
_struct_ref_seq_dif.align_id 
_struct_ref_seq_dif.pdbx_pdb_id_code 
_struct_ref_seq_dif.mon_id 
_struct_ref_seq_dif.pdbx_pdb_strand_id 
_struct_ref_seq_dif.seq_num 
_struct_ref_seq_dif.pdbx_pdb_ins_code 
_struct_ref_seq_dif.pdbx_seq_db_name 
_struct_ref_seq_dif.pdbx_seq_db_accession_code 
_struct_ref_seq_dif.db_mon_id 
_struct_ref_seq_dif.pdbx_seq_db_seq_num 
_struct_ref_seq_dif.details 
_struct_ref_seq_dif.pdbx_auth_seq_num 
_struct_ref_seq_dif.pdbx_ordinal 
1 1CTA ALA A 10 ? UNP P02588 CYS 101 conflict 9  1 
1 1CTA TYR A 21 ? UNP P02588 PHE 112 conflict 20 2 
2 1CTA ALA B 10 ? UNP P02588 CYS 101 conflict 9  3 
2 1CTA TYR B 21 ? UNP P02588 PHE 112 conflict 20 4 
# 
_pdbx_struct_assembly.id                   1 
_pdbx_struct_assembly.details              author_defined_assembly 
_pdbx_struct_assembly.method_details       ? 
_pdbx_struct_assembly.oligomeric_details   dimeric 
_pdbx_struct_assembly.oligomeric_count     2 
# 
_pdbx_struct_assembly_gen.assembly_id       1 
_pdbx_struct_assembly_gen.oper_expression   1 
_pdbx_struct_assembly_gen.asym_id_list      A,B,C,D 
# 
_pdbx_struct_oper_list.id                   1 
_pdbx_struct_oper_list.type                 'identity operation' 
_pdbx_struct_oper_list.name                 1_555 
_pdbx_struct_oper_list.symmetry_operation   x,y,z 
_pdbx_struct_oper_list.matrix[1][1]         1.0000000000 
_pdbx_struct_oper_list.matrix[1][2]         0.0000000000 
_pdbx_struct_oper_list.matrix[1][3]         0.0000000000 
_pdbx_struct_oper_list.vector[1]            0.0000000000 
_pdbx_struct_oper_list.matrix[2][1]         0.0000000000 
_pdbx_struct_oper_list.matrix[2][2]         1.0000000000 
_pdbx_struct_oper_list.matrix[2][3]         0.0000000000 
_pdbx_struct_oper_list.vector[2]            0.0000000000 
_pdbx_struct_oper_list.matrix[3][1]         0.0000000000 
_pdbx_struct_oper_list.matrix[3][2]         0.0000000000 
_pdbx_struct_oper_list.matrix[3][3]         1.0000000000 
_pdbx_struct_oper_list.vector[3]            0.0000000000 
# 
_struct_biol.id   1 
# 
loop_
_struct_conf.conf_type_id 
_struct_conf.id 
_struct_conf.pdbx_PDB_helix_id 
_struct_conf.beg_label_comp_id 
_struct_conf.beg_label_asym_id 
_struct_conf.beg_label_seq_id 
_struct_conf.pdbx_beg_PDB_ins_code 
_struct_conf.end_label_comp_id 
_struct_conf.end_label_asym_id 
_struct_conf.end_label_seq_id 
_struct_conf.pdbx_end_PDB_ins_code 
_struct_conf.beg_auth_comp_id 
_struct_conf.beg_auth_asym_id 
_struct_conf.beg_auth_seq_id 
_struct_conf.end_auth_comp_id 
_struct_conf.end_auth_asym_id 
_struct_conf.end_auth_seq_id 
_struct_conf.pdbx_PDB_helix_class 
_struct_conf.details 
_struct_conf.pdbx_PDB_helix_length 
HELX_P HELX_P1 1 GLU A 4  ? ASP A 15 ? GLU A 3  ASP A 14 1 ? 12 
HELX_P HELX_P2 2 ASP A 23 ? ARG A 32 ? ASP A 22 ARG A 31 1 ? 10 
HELX_P HELX_P3 3 GLU B 4  ? ASP B 15 ? GLU B 3  ASP B 14 1 ? 12 
HELX_P HELX_P4 4 ASP B 23 ? ARG B 32 ? ASP B 22 ARG B 31 1 ? 10 
# 
_struct_conf_type.id          HELX_P 
_struct_conf_type.criteria    ? 
_struct_conf_type.reference   ? 
# 
loop_
_struct_conn.id 
_struct_conn.conn_type_id 
_struct_conn.pdbx_leaving_atom_flag 
_struct_conn.pdbx_PDB_id 
_struct_conn.ptnr1_label_asym_id 
_struct_conn.ptnr1_label_comp_id 
_struct_conn.ptnr1_label_seq_id 
_struct_conn.ptnr1_label_atom_id 
_struct_conn.pdbx_ptnr1_label_alt_id 
_struct_conn.pdbx_ptnr1_PDB_ins_code 
_struct_conn.pdbx_ptnr1_standard_comp_id 
_struct_conn.ptnr1_symmetry 
_struct_conn.ptnr2_label_asym_id 
_struct_conn.ptnr2_label_comp_id 
_struct_conn.ptnr2_label_seq_id 
_struct_conn.ptnr2_label_atom_id 
_struct_conn.pdbx_ptnr2_label_alt_id 
_struct_conn.pdbx_ptnr2_PDB_ins_code 
_struct_conn.ptnr1_auth_asym_id 
_struct_conn.ptnr1_auth_comp_id 
_struct_conn.ptnr1_auth_seq_id 
_struct_conn.ptnr2_auth_asym_id 
_struct_conn.ptnr2_auth_comp_id 
_struct_conn.ptnr2_auth_seq_id 
_struct_conn.ptnr2_symmetry 
_struct_conn.pdbx_ptnr3_label_atom_id 
_struct_conn.pdbx_ptnr3_label_seq_id 
_struct_conn.pdbx_ptnr3_label_comp_id 
_struct_conn.pdbx_ptnr3_label_asym_id 
_struct_conn.pdbx_ptnr3_label_alt_id 
_struct_conn.pdbx_ptnr3_PDB_ins_code 
_struct_conn.details 
_struct_conn.pdbx_dist_value 
_struct_conn.pdbx_value_order 
_struct_conn.pdbx_role 
covale1  covale one  ? A ACE 1  C   ? ? ? 1_555 A LYS 2  H  ? ? A ACE 0  A LYS 1  1_555 ? ? ? ? ? ? ? 0.900 ? ? 
covale2  covale both ? A ACE 1  C   ? ? ? 1_555 A LYS 2  N  ? ? A ACE 0  A LYS 1  1_555 ? ? ? ? ? ? ? 1.309 ? ? 
covale3  covale both ? A GLY 35 C   ? ? ? 1_555 A NH2 36 N  ? ? A GLY 34 A NH2 35 1_555 ? ? ? ? ? ? ? 1.310 ? ? 
covale4  covale none ? B ACE 1  O   ? ? ? 1_555 B LYS 2  H  ? ? B ACE 0  B LYS 1  1_555 ? ? ? ? ? ? ? 1.147 ? ? 
covale5  covale both ? B ACE 1  C   ? ? ? 1_555 B LYS 2  N  ? ? B ACE 0  B LYS 1  1_555 ? ? ? ? ? ? ? 1.309 ? ? 
covale6  covale both ? B GLY 35 C   ? ? ? 1_555 B NH2 36 N  ? ? B GLY 34 B NH2 35 1_555 ? ? ? ? ? ? ? 1.315 ? ? 
metalc1  metalc ?    ? A ASP 15 OD1 ? ? ? 1_555 C CA  .  CA ? ? A ASP 14 A CA  69 1_555 ? ? ? ? ? ? ? 2.717 ? ? 
metalc2  metalc ?    ? A ASN 17 ND2 ? ? ? 1_555 C CA  .  CA ? ? A ASN 16 A CA  69 1_555 ? ? ? ? ? ? ? 2.608 ? ? 
metalc3  metalc ?    ? A ASN 17 OD1 ? ? ? 1_555 C CA  .  CA ? ? A ASN 16 A CA  69 1_555 ? ? ? ? ? ? ? 2.834 ? ? 
metalc4  metalc ?    ? A ASP 19 OD1 ? ? ? 1_555 C CA  .  CA ? ? A ASP 18 A CA  69 1_555 ? ? ? ? ? ? ? 2.762 ? ? 
metalc5  metalc ?    ? A TYR 21 O   ? ? ? 1_555 C CA  .  CA ? ? A TYR 20 A CA  69 1_555 ? ? ? ? ? ? ? 2.710 ? ? 
metalc6  metalc ?    ? A GLU 26 OE2 ? ? ? 1_555 C CA  .  CA ? ? A GLU 25 A CA  69 1_555 ? ? ? ? ? ? ? 2.785 ? ? 
metalc7  metalc ?    ? A GLU 26 OE1 ? ? ? 1_555 C CA  .  CA ? ? A GLU 25 A CA  69 1_555 ? ? ? ? ? ? ? 2.583 ? ? 
metalc8  metalc ?    ? B ASP 15 OD1 ? ? ? 1_555 D CA  .  CA ? ? B ASP 14 B CA  70 1_555 ? ? ? ? ? ? ? 2.720 ? ? 
metalc9  metalc ?    ? B ASN 17 OD1 ? ? ? 1_555 D CA  .  CA ? ? B ASN 16 B CA  70 1_555 ? ? ? ? ? ? ? 2.715 ? ? 
metalc10 metalc ?    ? B ASP 19 OD1 ? ? ? 1_555 D CA  .  CA ? ? B ASP 18 B CA  70 1_555 ? ? ? ? ? ? ? 2.698 ? ? 
metalc11 metalc ?    ? B TYR 21 O   ? ? ? 1_555 D CA  .  CA ? ? B TYR 20 B CA  70 1_555 ? ? ? ? ? ? ? 2.749 ? ? 
metalc12 metalc ?    ? B GLU 26 OE2 ? ? ? 1_555 D CA  .  CA ? ? B GLU 25 B CA  70 1_555 ? ? ? ? ? ? ? 2.759 ? ? 
metalc13 metalc ?    ? B GLU 26 OE1 ? ? ? 1_555 D CA  .  CA ? ? B GLU 25 B CA  70 1_555 ? ? ? ? ? ? ? 2.668 ? ? 
# 
loop_
_struct_conn_type.id 
_struct_conn_type.criteria 
_struct_conn_type.reference 
covale ? ? 
metalc ? ? 
# 
loop_
_pdbx_struct_conn_angle.id 
_pdbx_struct_conn_angle.ptnr1_label_atom_id 
_pdbx_struct_conn_angle.ptnr1_label_alt_id 
_pdbx_struct_conn_angle.ptnr1_label_asym_id 
_pdbx_struct_conn_angle.ptnr1_label_comp_id 
_pdbx_struct_conn_angle.ptnr1_label_seq_id 
_pdbx_struct_conn_angle.ptnr1_auth_atom_id 
_pdbx_struct_conn_angle.ptnr1_auth_asym_id 
_pdbx_struct_conn_angle.ptnr1_auth_comp_id 
_pdbx_struct_conn_angle.ptnr1_auth_seq_id 
_pdbx_struct_conn_angle.ptnr1_PDB_ins_code 
_pdbx_struct_conn_angle.ptnr1_symmetry 
_pdbx_struct_conn_angle.ptnr2_label_atom_id 
_pdbx_struct_conn_angle.ptnr2_label_alt_id 
_pdbx_struct_conn_angle.ptnr2_label_asym_id 
_pdbx_struct_conn_angle.ptnr2_label_comp_id 
_pdbx_struct_conn_angle.ptnr2_label_seq_id 
_pdbx_struct_conn_angle.ptnr2_auth_atom_id 
_pdbx_struct_conn_angle.ptnr2_auth_asym_id 
_pdbx_struct_conn_angle.ptnr2_auth_comp_id 
_pdbx_struct_conn_angle.ptnr2_auth_seq_id 
_pdbx_struct_conn_angle.ptnr2_PDB_ins_code 
_pdbx_struct_conn_angle.ptnr2_symmetry 
_pdbx_struct_conn_angle.ptnr3_label_atom_id 
_pdbx_struct_conn_angle.ptnr3_label_alt_id 
_pdbx_struct_conn_angle.ptnr3_label_asym_id 
_pdbx_struct_conn_angle.ptnr3_label_comp_id 
_pdbx_struct_conn_angle.ptnr3_label_seq_id 
_pdbx_struct_conn_angle.ptnr3_auth_atom_id 
_pdbx_struct_conn_angle.ptnr3_auth_asym_id 
_pdbx_struct_conn_angle.ptnr3_auth_comp_id 
_pdbx_struct_conn_angle.ptnr3_auth_seq_id 
_pdbx_struct_conn_angle.ptnr3_PDB_ins_code 
_pdbx_struct_conn_angle.ptnr3_symmetry 
_pdbx_struct_conn_angle.value 
_pdbx_struct_conn_angle.value_esd 
1  OD1 ? A ASP 15 ? A ASP 14 ? 1_555 CA ? C CA . ? A CA 69 ? 1_555 ND2 ? A ASN 17 ? A ASN 16 ? 1_555 85.2  ? 
2  OD1 ? A ASP 15 ? A ASP 14 ? 1_555 CA ? C CA . ? A CA 69 ? 1_555 OD1 ? A ASN 17 ? A ASN 16 ? 1_555 122.6 ? 
3  ND2 ? A ASN 17 ? A ASN 16 ? 1_555 CA ? C CA . ? A CA 69 ? 1_555 OD1 ? A ASN 17 ? A ASN 16 ? 1_555 47.2  ? 
4  OD1 ? A ASP 15 ? A ASP 14 ? 1_555 CA ? C CA . ? A CA 69 ? 1_555 OD1 ? A ASP 19 ? A ASP 18 ? 1_555 60.1  ? 
5  ND2 ? A ASN 17 ? A ASN 16 ? 1_555 CA ? C CA . ? A CA 69 ? 1_555 OD1 ? A ASP 19 ? A ASP 18 ? 1_555 64.8  ? 
6  OD1 ? A ASN 17 ? A ASN 16 ? 1_555 CA ? C CA . ? A CA 69 ? 1_555 OD1 ? A ASP 19 ? A ASP 18 ? 1_555 108.6 ? 
7  OD1 ? A ASP 15 ? A ASP 14 ? 1_555 CA ? C CA . ? A CA 69 ? 1_555 O   ? A TYR 21 ? A TYR 20 ? 1_555 68.8  ? 
8  ND2 ? A ASN 17 ? A ASN 16 ? 1_555 CA ? C CA . ? A CA 69 ? 1_555 O   ? A TYR 21 ? A TYR 20 ? 1_555 131.5 ? 
9  OD1 ? A ASN 17 ? A ASN 16 ? 1_555 CA ? C CA . ? A CA 69 ? 1_555 O   ? A TYR 21 ? A TYR 20 ? 1_555 164.6 ? 
10 OD1 ? A ASP 19 ? A ASP 18 ? 1_555 CA ? C CA . ? A CA 69 ? 1_555 O   ? A TYR 21 ? A TYR 20 ? 1_555 66.7  ? 
11 OD1 ? A ASP 15 ? A ASP 14 ? 1_555 CA ? C CA . ? A CA 69 ? 1_555 OE2 ? A GLU 26 ? A GLU 25 ? 1_555 116.3 ? 
12 ND2 ? A ASN 17 ? A ASN 16 ? 1_555 CA ? C CA . ? A CA 69 ? 1_555 OE2 ? A GLU 26 ? A GLU 25 ? 1_555 97.0  ? 
13 OD1 ? A ASN 17 ? A ASN 16 ? 1_555 CA ? C CA . ? A CA 69 ? 1_555 OE2 ? A GLU 26 ? A GLU 25 ? 1_555 56.2  ? 
14 OD1 ? A ASP 19 ? A ASP 18 ? 1_555 CA ? C CA . ? A CA 69 ? 1_555 OE2 ? A GLU 26 ? A GLU 25 ? 1_555 161.3 ? 
15 O   ? A TYR 21 ? A TYR 20 ? 1_555 CA ? C CA . ? A CA 69 ? 1_555 OE2 ? A GLU 26 ? A GLU 25 ? 1_555 131.0 ? 
16 OD1 ? A ASP 15 ? A ASP 14 ? 1_555 CA ? C CA . ? A CA 69 ? 1_555 OE1 ? A GLU 26 ? A GLU 25 ? 1_555 156.9 ? 
17 ND2 ? A ASN 17 ? A ASN 16 ? 1_555 CA ? C CA . ? A CA 69 ? 1_555 OE1 ? A GLU 26 ? A GLU 25 ? 1_555 112.4 ? 
18 OD1 ? A ASN 17 ? A ASN 16 ? 1_555 CA ? C CA . ? A CA 69 ? 1_555 OE1 ? A GLU 26 ? A GLU 25 ? 1_555 67.8  ? 
19 OD1 ? A ASP 19 ? A ASP 18 ? 1_555 CA ? C CA . ? A CA 69 ? 1_555 OE1 ? A GLU 26 ? A GLU 25 ? 1_555 140.2 ? 
20 O   ? A TYR 21 ? A TYR 20 ? 1_555 CA ? C CA . ? A CA 69 ? 1_555 OE1 ? A GLU 26 ? A GLU 25 ? 1_555 105.9 ? 
21 OE2 ? A GLU 26 ? A GLU 25 ? 1_555 CA ? C CA . ? A CA 69 ? 1_555 OE1 ? A GLU 26 ? A GLU 25 ? 1_555 49.1  ? 
22 OD1 ? B ASP 15 ? B ASP 14 ? 1_555 CA ? D CA . ? B CA 70 ? 1_555 OD1 ? B ASN 17 ? B ASN 16 ? 1_555 125.1 ? 
23 OD1 ? B ASP 15 ? B ASP 14 ? 1_555 CA ? D CA . ? B CA 70 ? 1_555 OD1 ? B ASP 19 ? B ASP 18 ? 1_555 61.7  ? 
24 OD1 ? B ASN 17 ? B ASN 16 ? 1_555 CA ? D CA . ? B CA 70 ? 1_555 OD1 ? B ASP 19 ? B ASP 18 ? 1_555 116.2 ? 
25 OD1 ? B ASP 15 ? B ASP 14 ? 1_555 CA ? D CA . ? B CA 70 ? 1_555 O   ? B TYR 21 ? B TYR 20 ? 1_555 67.2  ? 
26 OD1 ? B ASN 17 ? B ASN 16 ? 1_555 CA ? D CA . ? B CA 70 ? 1_555 O   ? B TYR 21 ? B TYR 20 ? 1_555 167.6 ? 
27 OD1 ? B ASP 19 ? B ASP 18 ? 1_555 CA ? D CA . ? B CA 70 ? 1_555 O   ? B TYR 21 ? B TYR 20 ? 1_555 65.9  ? 
28 OD1 ? B ASP 15 ? B ASP 14 ? 1_555 CA ? D CA . ? B CA 70 ? 1_555 OE2 ? B GLU 26 ? B GLU 25 ? 1_555 116.3 ? 
29 OD1 ? B ASN 17 ? B ASN 16 ? 1_555 CA ? D CA . ? B CA 70 ? 1_555 OE2 ? B GLU 26 ? B GLU 25 ? 1_555 58.8  ? 
30 OD1 ? B ASP 19 ? B ASP 18 ? 1_555 CA ? D CA . ? B CA 70 ? 1_555 OE2 ? B GLU 26 ? B GLU 25 ? 1_555 173.1 ? 
31 O   ? B TYR 21 ? B TYR 20 ? 1_555 CA ? D CA . ? B CA 70 ? 1_555 OE2 ? B GLU 26 ? B GLU 25 ? 1_555 120.0 ? 
32 OD1 ? B ASP 15 ? B ASP 14 ? 1_555 CA ? D CA . ? B CA 70 ? 1_555 OE1 ? B GLU 26 ? B GLU 25 ? 1_555 149.7 ? 
33 OD1 ? B ASN 17 ? B ASN 16 ? 1_555 CA ? D CA . ? B CA 70 ? 1_555 OE1 ? B GLU 26 ? B GLU 25 ? 1_555 73.5  ? 
34 OD1 ? B ASP 19 ? B ASP 18 ? 1_555 CA ? D CA . ? B CA 70 ? 1_555 OE1 ? B GLU 26 ? B GLU 25 ? 1_555 136.6 ? 
35 O   ? B TYR 21 ? B TYR 20 ? 1_555 CA ? D CA . ? B CA 70 ? 1_555 OE1 ? B GLU 26 ? B GLU 25 ? 1_555 96.5  ? 
36 OE2 ? B GLU 26 ? B GLU 25 ? 1_555 CA ? D CA . ? B CA 70 ? 1_555 OE1 ? B GLU 26 ? B GLU 25 ? 1_555 48.5  ? 
# 
loop_
_pdbx_modification_feature.ordinal 
_pdbx_modification_feature.label_comp_id 
_pdbx_modification_feature.label_asym_id 
_pdbx_modification_feature.label_seq_id 
_pdbx_modification_feature.label_alt_id 
_pdbx_modification_feature.modified_residue_label_comp_id 
_pdbx_modification_feature.modified_residue_label_asym_id 
_pdbx_modification_feature.modified_residue_label_seq_id 
_pdbx_modification_feature.modified_residue_label_alt_id 
_pdbx_modification_feature.auth_comp_id 
_pdbx_modification_feature.auth_asym_id 
_pdbx_modification_feature.auth_seq_id 
_pdbx_modification_feature.PDB_ins_code 
_pdbx_modification_feature.symmetry 
_pdbx_modification_feature.modified_residue_auth_comp_id 
_pdbx_modification_feature.modified_residue_auth_asym_id 
_pdbx_modification_feature.modified_residue_auth_seq_id 
_pdbx_modification_feature.modified_residue_PDB_ins_code 
_pdbx_modification_feature.modified_residue_symmetry 
_pdbx_modification_feature.comp_id_linking_atom 
_pdbx_modification_feature.modified_residue_id_linking_atom 
_pdbx_modification_feature.modified_residue_id 
_pdbx_modification_feature.ref_pcm_id 
_pdbx_modification_feature.ref_comp_id 
_pdbx_modification_feature.type 
_pdbx_modification_feature.category 
1 ACE A 1  ? LYS A 2  ? ACE A 0  ? 1_555 LYS A 1  ? 1_555 . . LYS 20 ACE None 'Terminal acetylation' 
2 ACE A 1  ? LYS A 2  ? ACE A 0  ? 1_555 LYS A 1  ? 1_555 . . LYS 20 ACE None 'Terminal acetylation' 
3 ACE B 1  ? LYS B 2  ? ACE B 0  ? 1_555 LYS B 1  ? 1_555 . . LYS 20 ACE None 'Terminal acetylation' 
4 ACE B 1  ? LYS B 2  ? ACE B 0  ? 1_555 LYS B 1  ? 1_555 . . LYS 20 ACE None 'Terminal acetylation' 
5 NH2 A 36 ? GLY A 35 ? NH2 A 35 ? 1_555 GLY A 34 ? 1_555 . . GLY 12 NH2 None 'Terminal amidation'   
6 NH2 B 36 ? GLY B 35 ? NH2 B 35 ? 1_555 GLY B 34 ? 1_555 . . GLY 12 NH2 None 'Terminal amidation'   
# 
loop_
_struct_site.id 
_struct_site.pdbx_evidence_code 
_struct_site.pdbx_auth_asym_id 
_struct_site.pdbx_auth_comp_id 
_struct_site.pdbx_auth_seq_id 
_struct_site.pdbx_auth_ins_code 
_struct_site.pdbx_num_residues 
_struct_site.details 
AC1 Software A CA 69 ? 6 'BINDING SITE FOR RESIDUE CA A 69' 
AC2 Software B CA 70 ? 5 'BINDING SITE FOR RESIDUE CA B 70' 
# 
loop_
_struct_site_gen.id 
_struct_site_gen.site_id 
_struct_site_gen.pdbx_num_res 
_struct_site_gen.label_comp_id 
_struct_site_gen.label_asym_id 
_struct_site_gen.label_seq_id 
_struct_site_gen.pdbx_auth_ins_code 
_struct_site_gen.auth_comp_id 
_struct_site_gen.auth_asym_id 
_struct_site_gen.auth_seq_id 
_struct_site_gen.label_atom_id 
_struct_site_gen.label_alt_id 
_struct_site_gen.symmetry 
_struct_site_gen.details 
1  AC1 6 ASP A 15 ? ASP A 14 . ? 1_555 ? 
2  AC1 6 ASN A 17 ? ASN A 16 . ? 1_555 ? 
3  AC1 6 ASP A 19 ? ASP A 18 . ? 1_555 ? 
4  AC1 6 TYR A 21 ? TYR A 20 . ? 1_555 ? 
5  AC1 6 ASP A 23 ? ASP A 22 . ? 1_555 ? 
6  AC1 6 GLU A 26 ? GLU A 25 . ? 1_555 ? 
7  AC2 5 ASP B 15 ? ASP B 14 . ? 1_555 ? 
8  AC2 5 ASN B 17 ? ASN B 16 . ? 1_555 ? 
9  AC2 5 ASP B 19 ? ASP B 18 . ? 1_555 ? 
10 AC2 5 TYR B 21 ? TYR B 20 . ? 1_555 ? 
11 AC2 5 GLU B 26 ? GLU B 25 . ? 1_555 ? 
# 
_pdbx_entry_details.entry_id                   1CTA 
_pdbx_entry_details.compound_details           ? 
_pdbx_entry_details.source_details             ? 
_pdbx_entry_details.nonpolymer_details         ? 
_pdbx_entry_details.sequence_details           ? 
_pdbx_entry_details.has_ligand_of_interest     ? 
_pdbx_entry_details.has_protein_modification   Y 
# 
loop_
_pdbx_validate_close_contact.id 
_pdbx_validate_close_contact.PDB_model_num 
_pdbx_validate_close_contact.auth_atom_id_1 
_pdbx_validate_close_contact.auth_asym_id_1 
_pdbx_validate_close_contact.auth_comp_id_1 
_pdbx_validate_close_contact.auth_seq_id_1 
_pdbx_validate_close_contact.PDB_ins_code_1 
_pdbx_validate_close_contact.label_alt_id_1 
_pdbx_validate_close_contact.auth_atom_id_2 
_pdbx_validate_close_contact.auth_asym_id_2 
_pdbx_validate_close_contact.auth_comp_id_2 
_pdbx_validate_close_contact.auth_seq_id_2 
_pdbx_validate_close_contact.PDB_ins_code_2 
_pdbx_validate_close_contact.label_alt_id_2 
_pdbx_validate_close_contact.dist 
1 1 C B ACE 0 ? ? H B LYS 1 ? ? 0.56 
2 1 O A ACE 0 ? ? H A LYS 1 ? ? 1.18 
# 
_pdbx_validate_rmsd_angle.id                         1 
_pdbx_validate_rmsd_angle.PDB_model_num              1 
_pdbx_validate_rmsd_angle.auth_atom_id_1             C 
_pdbx_validate_rmsd_angle.auth_asym_id_1             A 
_pdbx_validate_rmsd_angle.auth_comp_id_1             ACE 
_pdbx_validate_rmsd_angle.auth_seq_id_1              0 
_pdbx_validate_rmsd_angle.PDB_ins_code_1             ? 
_pdbx_validate_rmsd_angle.label_alt_id_1             ? 
_pdbx_validate_rmsd_angle.auth_atom_id_2             N 
_pdbx_validate_rmsd_angle.auth_asym_id_2             A 
_pdbx_validate_rmsd_angle.auth_comp_id_2             LYS 
_pdbx_validate_rmsd_angle.auth_seq_id_2              1 
_pdbx_validate_rmsd_angle.PDB_ins_code_2             ? 
_pdbx_validate_rmsd_angle.label_alt_id_2             ? 
_pdbx_validate_rmsd_angle.auth_atom_id_3             CA 
_pdbx_validate_rmsd_angle.auth_asym_id_3             A 
_pdbx_validate_rmsd_angle.auth_comp_id_3             LYS 
_pdbx_validate_rmsd_angle.auth_seq_id_3              1 
_pdbx_validate_rmsd_angle.PDB_ins_code_3             ? 
_pdbx_validate_rmsd_angle.label_alt_id_3             ? 
_pdbx_validate_rmsd_angle.angle_value                153.61 
_pdbx_validate_rmsd_angle.angle_target_value         121.70 
_pdbx_validate_rmsd_angle.angle_deviation            31.91 
_pdbx_validate_rmsd_angle.angle_standard_deviation   2.50 
_pdbx_validate_rmsd_angle.linker_flag                Y 
# 
loop_
_pdbx_validate_torsion.id 
_pdbx_validate_torsion.PDB_model_num 
_pdbx_validate_torsion.auth_comp_id 
_pdbx_validate_torsion.auth_asym_id 
_pdbx_validate_torsion.auth_seq_id 
_pdbx_validate_torsion.PDB_ins_code 
_pdbx_validate_torsion.label_alt_id 
_pdbx_validate_torsion.phi 
_pdbx_validate_torsion.psi 
1 1 SER A 2  ? ? -15.92 148.55 
2 1 GLU A 3  ? ? 67.66  -62.21 
3 1 ARG A 31 ? ? -55.72 92.63  
4 1 ALA A 32 ? ? -82.33 47.29  
5 1 THR A 33 ? ? -18.70 101.34 
6 1 SER B 2  ? ? 69.72  67.03  
7 1 GLU B 3  ? ? 54.41  -24.96 
8 1 THR B 33 ? ? -89.95 47.74  
# 
loop_
_pdbx_validate_peptide_omega.id 
_pdbx_validate_peptide_omega.PDB_model_num 
_pdbx_validate_peptide_omega.auth_comp_id_1 
_pdbx_validate_peptide_omega.auth_asym_id_1 
_pdbx_validate_peptide_omega.auth_seq_id_1 
_pdbx_validate_peptide_omega.PDB_ins_code_1 
_pdbx_validate_peptide_omega.label_alt_id_1 
_pdbx_validate_peptide_omega.auth_comp_id_2 
_pdbx_validate_peptide_omega.auth_asym_id_2 
_pdbx_validate_peptide_omega.auth_seq_id_2 
_pdbx_validate_peptide_omega.PDB_ins_code_2 
_pdbx_validate_peptide_omega.label_alt_id_2 
_pdbx_validate_peptide_omega.omega 
1 1 ALA A 32 ? ? THR A 33 ? ? -105.60 
2 1 LYS B 1  ? ? SER B 2  ? ? -127.39 
# 
_pdbx_validate_planes.id              1 
_pdbx_validate_planes.PDB_model_num   1 
_pdbx_validate_planes.auth_comp_id    ARG 
_pdbx_validate_planes.auth_asym_id    B 
_pdbx_validate_planes.auth_seq_id     31 
_pdbx_validate_planes.PDB_ins_code    ? 
_pdbx_validate_planes.label_alt_id    ? 
_pdbx_validate_planes.rmsd            0.142 
_pdbx_validate_planes.type            'SIDE CHAIN' 
# 
loop_
_pdbx_validate_main_chain_plane.id 
_pdbx_validate_main_chain_plane.PDB_model_num 
_pdbx_validate_main_chain_plane.auth_comp_id 
_pdbx_validate_main_chain_plane.auth_asym_id 
_pdbx_validate_main_chain_plane.auth_seq_id 
_pdbx_validate_main_chain_plane.PDB_ins_code 
_pdbx_validate_main_chain_plane.label_alt_id 
_pdbx_validate_main_chain_plane.improper_torsion_angle 
1 1 ALA A 9  ? ? -11.67 
2 1 PHE A 10 ? ? -10.31 
3 1 PHE B 10 ? ? -10.65 
4 1 ALA B 17 ? ? -10.66 
# 
_pdbx_nmr_ensemble.entry_id                             1CTA 
_pdbx_nmr_ensemble.conformers_calculated_total_number   ? 
_pdbx_nmr_ensemble.conformers_submitted_total_number    1 
_pdbx_nmr_ensemble.conformer_selection_criteria         ? 
# 
loop_
_chem_comp_atom.comp_id 
_chem_comp_atom.atom_id 
_chem_comp_atom.type_symbol 
_chem_comp_atom.pdbx_aromatic_flag 
_chem_comp_atom.pdbx_stereo_config 
_chem_comp_atom.pdbx_ordinal 
ACE C    C  N N 1   
ACE O    O  N N 2   
ACE CH3  C  N N 3   
ACE H    H  N N 4   
ACE H1   H  N N 5   
ACE H2   H  N N 6   
ACE H3   H  N N 7   
ALA N    N  N N 8   
ALA CA   C  N S 9   
ALA C    C  N N 10  
ALA O    O  N N 11  
ALA CB   C  N N 12  
ALA OXT  O  N N 13  
ALA H    H  N N 14  
ALA H2   H  N N 15  
ALA HA   H  N N 16  
ALA HB1  H  N N 17  
ALA HB2  H  N N 18  
ALA HB3  H  N N 19  
ALA HXT  H  N N 20  
ARG N    N  N N 21  
ARG CA   C  N S 22  
ARG C    C  N N 23  
ARG O    O  N N 24  
ARG CB   C  N N 25  
ARG CG   C  N N 26  
ARG CD   C  N N 27  
ARG NE   N  N N 28  
ARG CZ   C  N N 29  
ARG NH1  N  N N 30  
ARG NH2  N  N N 31  
ARG OXT  O  N N 32  
ARG H    H  N N 33  
ARG H2   H  N N 34  
ARG HA   H  N N 35  
ARG HB2  H  N N 36  
ARG HB3  H  N N 37  
ARG HG2  H  N N 38  
ARG HG3  H  N N 39  
ARG HD2  H  N N 40  
ARG HD3  H  N N 41  
ARG HE   H  N N 42  
ARG HH11 H  N N 43  
ARG HH12 H  N N 44  
ARG HH21 H  N N 45  
ARG HH22 H  N N 46  
ARG HXT  H  N N 47  
ASN N    N  N N 48  
ASN CA   C  N S 49  
ASN C    C  N N 50  
ASN O    O  N N 51  
ASN CB   C  N N 52  
ASN CG   C  N N 53  
ASN OD1  O  N N 54  
ASN ND2  N  N N 55  
ASN OXT  O  N N 56  
ASN H    H  N N 57  
ASN H2   H  N N 58  
ASN HA   H  N N 59  
ASN HB2  H  N N 60  
ASN HB3  H  N N 61  
ASN HD21 H  N N 62  
ASN HD22 H  N N 63  
ASN HXT  H  N N 64  
ASP N    N  N N 65  
ASP CA   C  N S 66  
ASP C    C  N N 67  
ASP O    O  N N 68  
ASP CB   C  N N 69  
ASP CG   C  N N 70  
ASP OD1  O  N N 71  
ASP OD2  O  N N 72  
ASP OXT  O  N N 73  
ASP H    H  N N 74  
ASP H2   H  N N 75  
ASP HA   H  N N 76  
ASP HB2  H  N N 77  
ASP HB3  H  N N 78  
ASP HD2  H  N N 79  
ASP HXT  H  N N 80  
CA  CA   CA N N 81  
CYS N    N  N N 82  
CYS CA   C  N R 83  
CYS C    C  N N 84  
CYS O    O  N N 85  
CYS CB   C  N N 86  
CYS SG   S  N N 87  
CYS OXT  O  N N 88  
CYS H    H  N N 89  
CYS H2   H  N N 90  
CYS HA   H  N N 91  
CYS HB2  H  N N 92  
CYS HB3  H  N N 93  
CYS HG   H  N N 94  
CYS HXT  H  N N 95  
GLU N    N  N N 96  
GLU CA   C  N S 97  
GLU C    C  N N 98  
GLU O    O  N N 99  
GLU CB   C  N N 100 
GLU CG   C  N N 101 
GLU CD   C  N N 102 
GLU OE1  O  N N 103 
GLU OE2  O  N N 104 
GLU OXT  O  N N 105 
GLU H    H  N N 106 
GLU H2   H  N N 107 
GLU HA   H  N N 108 
GLU HB2  H  N N 109 
GLU HB3  H  N N 110 
GLU HG2  H  N N 111 
GLU HG3  H  N N 112 
GLU HE2  H  N N 113 
GLU HXT  H  N N 114 
GLY N    N  N N 115 
GLY CA   C  N N 116 
GLY C    C  N N 117 
GLY O    O  N N 118 
GLY OXT  O  N N 119 
GLY H    H  N N 120 
GLY H2   H  N N 121 
GLY HA2  H  N N 122 
GLY HA3  H  N N 123 
GLY HXT  H  N N 124 
ILE N    N  N N 125 
ILE CA   C  N S 126 
ILE C    C  N N 127 
ILE O    O  N N 128 
ILE CB   C  N S 129 
ILE CG1  C  N N 130 
ILE CG2  C  N N 131 
ILE CD1  C  N N 132 
ILE OXT  O  N N 133 
ILE H    H  N N 134 
ILE H2   H  N N 135 
ILE HA   H  N N 136 
ILE HB   H  N N 137 
ILE HG12 H  N N 138 
ILE HG13 H  N N 139 
ILE HG21 H  N N 140 
ILE HG22 H  N N 141 
ILE HG23 H  N N 142 
ILE HD11 H  N N 143 
ILE HD12 H  N N 144 
ILE HD13 H  N N 145 
ILE HXT  H  N N 146 
LEU N    N  N N 147 
LEU CA   C  N S 148 
LEU C    C  N N 149 
LEU O    O  N N 150 
LEU CB   C  N N 151 
LEU CG   C  N N 152 
LEU CD1  C  N N 153 
LEU CD2  C  N N 154 
LEU OXT  O  N N 155 
LEU H    H  N N 156 
LEU H2   H  N N 157 
LEU HA   H  N N 158 
LEU HB2  H  N N 159 
LEU HB3  H  N N 160 
LEU HG   H  N N 161 
LEU HD11 H  N N 162 
LEU HD12 H  N N 163 
LEU HD13 H  N N 164 
LEU HD21 H  N N 165 
LEU HD22 H  N N 166 
LEU HD23 H  N N 167 
LEU HXT  H  N N 168 
LYS N    N  N N 169 
LYS CA   C  N S 170 
LYS C    C  N N 171 
LYS O    O  N N 172 
LYS CB   C  N N 173 
LYS CG   C  N N 174 
LYS CD   C  N N 175 
LYS CE   C  N N 176 
LYS NZ   N  N N 177 
LYS OXT  O  N N 178 
LYS H    H  N N 179 
LYS H2   H  N N 180 
LYS HA   H  N N 181 
LYS HB2  H  N N 182 
LYS HB3  H  N N 183 
LYS HG2  H  N N 184 
LYS HG3  H  N N 185 
LYS HD2  H  N N 186 
LYS HD3  H  N N 187 
LYS HE2  H  N N 188 
LYS HE3  H  N N 189 
LYS HZ1  H  N N 190 
LYS HZ2  H  N N 191 
LYS HZ3  H  N N 192 
LYS HXT  H  N N 193 
NH2 N    N  N N 194 
NH2 HN1  H  N N 195 
NH2 HN2  H  N N 196 
PHE N    N  N N 197 
PHE CA   C  N S 198 
PHE C    C  N N 199 
PHE O    O  N N 200 
PHE CB   C  N N 201 
PHE CG   C  Y N 202 
PHE CD1  C  Y N 203 
PHE CD2  C  Y N 204 
PHE CE1  C  Y N 205 
PHE CE2  C  Y N 206 
PHE CZ   C  Y N 207 
PHE OXT  O  N N 208 
PHE H    H  N N 209 
PHE H2   H  N N 210 
PHE HA   H  N N 211 
PHE HB2  H  N N 212 
PHE HB3  H  N N 213 
PHE HD1  H  N N 214 
PHE HD2  H  N N 215 
PHE HE1  H  N N 216 
PHE HE2  H  N N 217 
PHE HZ   H  N N 218 
PHE HXT  H  N N 219 
SER N    N  N N 220 
SER CA   C  N S 221 
SER C    C  N N 222 
SER O    O  N N 223 
SER CB   C  N N 224 
SER OG   O  N N 225 
SER OXT  O  N N 226 
SER H    H  N N 227 
SER H2   H  N N 228 
SER HA   H  N N 229 
SER HB2  H  N N 230 
SER HB3  H  N N 231 
SER HG   H  N N 232 
SER HXT  H  N N 233 
THR N    N  N N 234 
THR CA   C  N S 235 
THR C    C  N N 236 
THR O    O  N N 237 
THR CB   C  N R 238 
THR OG1  O  N N 239 
THR CG2  C  N N 240 
THR OXT  O  N N 241 
THR H    H  N N 242 
THR H2   H  N N 243 
THR HA   H  N N 244 
THR HB   H  N N 245 
THR HG1  H  N N 246 
THR HG21 H  N N 247 
THR HG22 H  N N 248 
THR HG23 H  N N 249 
THR HXT  H  N N 250 
TYR N    N  N N 251 
TYR CA   C  N S 252 
TYR C    C  N N 253 
TYR O    O  N N 254 
TYR CB   C  N N 255 
TYR CG   C  Y N 256 
TYR CD1  C  Y N 257 
TYR CD2  C  Y N 258 
TYR CE1  C  Y N 259 
TYR CE2  C  Y N 260 
TYR CZ   C  Y N 261 
TYR OH   O  N N 262 
TYR OXT  O  N N 263 
TYR H    H  N N 264 
TYR H2   H  N N 265 
TYR HA   H  N N 266 
TYR HB2  H  N N 267 
TYR HB3  H  N N 268 
TYR HD1  H  N N 269 
TYR HD2  H  N N 270 
TYR HE1  H  N N 271 
TYR HE2  H  N N 272 
TYR HH   H  N N 273 
TYR HXT  H  N N 274 
# 
loop_
_chem_comp_bond.comp_id 
_chem_comp_bond.atom_id_1 
_chem_comp_bond.atom_id_2 
_chem_comp_bond.value_order 
_chem_comp_bond.pdbx_aromatic_flag 
_chem_comp_bond.pdbx_stereo_config 
_chem_comp_bond.pdbx_ordinal 
ACE C   O    doub N N 1   
ACE C   CH3  sing N N 2   
ACE C   H    sing N N 3   
ACE CH3 H1   sing N N 4   
ACE CH3 H2   sing N N 5   
ACE CH3 H3   sing N N 6   
ALA N   CA   sing N N 7   
ALA N   H    sing N N 8   
ALA N   H2   sing N N 9   
ALA CA  C    sing N N 10  
ALA CA  CB   sing N N 11  
ALA CA  HA   sing N N 12  
ALA C   O    doub N N 13  
ALA C   OXT  sing N N 14  
ALA CB  HB1  sing N N 15  
ALA CB  HB2  sing N N 16  
ALA CB  HB3  sing N N 17  
ALA OXT HXT  sing N N 18  
ARG N   CA   sing N N 19  
ARG N   H    sing N N 20  
ARG N   H2   sing N N 21  
ARG CA  C    sing N N 22  
ARG CA  CB   sing N N 23  
ARG CA  HA   sing N N 24  
ARG C   O    doub N N 25  
ARG C   OXT  sing N N 26  
ARG CB  CG   sing N N 27  
ARG CB  HB2  sing N N 28  
ARG CB  HB3  sing N N 29  
ARG CG  CD   sing N N 30  
ARG CG  HG2  sing N N 31  
ARG CG  HG3  sing N N 32  
ARG CD  NE   sing N N 33  
ARG CD  HD2  sing N N 34  
ARG CD  HD3  sing N N 35  
ARG NE  CZ   sing N N 36  
ARG NE  HE   sing N N 37  
ARG CZ  NH1  sing N N 38  
ARG CZ  NH2  doub N N 39  
ARG NH1 HH11 sing N N 40  
ARG NH1 HH12 sing N N 41  
ARG NH2 HH21 sing N N 42  
ARG NH2 HH22 sing N N 43  
ARG OXT HXT  sing N N 44  
ASN N   CA   sing N N 45  
ASN N   H    sing N N 46  
ASN N   H2   sing N N 47  
ASN CA  C    sing N N 48  
ASN CA  CB   sing N N 49  
ASN CA  HA   sing N N 50  
ASN C   O    doub N N 51  
ASN C   OXT  sing N N 52  
ASN CB  CG   sing N N 53  
ASN CB  HB2  sing N N 54  
ASN CB  HB3  sing N N 55  
ASN CG  OD1  doub N N 56  
ASN CG  ND2  sing N N 57  
ASN ND2 HD21 sing N N 58  
ASN ND2 HD22 sing N N 59  
ASN OXT HXT  sing N N 60  
ASP N   CA   sing N N 61  
ASP N   H    sing N N 62  
ASP N   H2   sing N N 63  
ASP CA  C    sing N N 64  
ASP CA  CB   sing N N 65  
ASP CA  HA   sing N N 66  
ASP C   O    doub N N 67  
ASP C   OXT  sing N N 68  
ASP CB  CG   sing N N 69  
ASP CB  HB2  sing N N 70  
ASP CB  HB3  sing N N 71  
ASP CG  OD1  doub N N 72  
ASP CG  OD2  sing N N 73  
ASP OD2 HD2  sing N N 74  
ASP OXT HXT  sing N N 75  
CYS N   CA   sing N N 76  
CYS N   H    sing N N 77  
CYS N   H2   sing N N 78  
CYS CA  C    sing N N 79  
CYS CA  CB   sing N N 80  
CYS CA  HA   sing N N 81  
CYS C   O    doub N N 82  
CYS C   OXT  sing N N 83  
CYS CB  SG   sing N N 84  
CYS CB  HB2  sing N N 85  
CYS CB  HB3  sing N N 86  
CYS SG  HG   sing N N 87  
CYS OXT HXT  sing N N 88  
GLU N   CA   sing N N 89  
GLU N   H    sing N N 90  
GLU N   H2   sing N N 91  
GLU CA  C    sing N N 92  
GLU CA  CB   sing N N 93  
GLU CA  HA   sing N N 94  
GLU C   O    doub N N 95  
GLU C   OXT  sing N N 96  
GLU CB  CG   sing N N 97  
GLU CB  HB2  sing N N 98  
GLU CB  HB3  sing N N 99  
GLU CG  CD   sing N N 100 
GLU CG  HG2  sing N N 101 
GLU CG  HG3  sing N N 102 
GLU CD  OE1  doub N N 103 
GLU CD  OE2  sing N N 104 
GLU OE2 HE2  sing N N 105 
GLU OXT HXT  sing N N 106 
GLY N   CA   sing N N 107 
GLY N   H    sing N N 108 
GLY N   H2   sing N N 109 
GLY CA  C    sing N N 110 
GLY CA  HA2  sing N N 111 
GLY CA  HA3  sing N N 112 
GLY C   O    doub N N 113 
GLY C   OXT  sing N N 114 
GLY OXT HXT  sing N N 115 
ILE N   CA   sing N N 116 
ILE N   H    sing N N 117 
ILE N   H2   sing N N 118 
ILE CA  C    sing N N 119 
ILE CA  CB   sing N N 120 
ILE CA  HA   sing N N 121 
ILE C   O    doub N N 122 
ILE C   OXT  sing N N 123 
ILE CB  CG1  sing N N 124 
ILE CB  CG2  sing N N 125 
ILE CB  HB   sing N N 126 
ILE CG1 CD1  sing N N 127 
ILE CG1 HG12 sing N N 128 
ILE CG1 HG13 sing N N 129 
ILE CG2 HG21 sing N N 130 
ILE CG2 HG22 sing N N 131 
ILE CG2 HG23 sing N N 132 
ILE CD1 HD11 sing N N 133 
ILE CD1 HD12 sing N N 134 
ILE CD1 HD13 sing N N 135 
ILE OXT HXT  sing N N 136 
LEU N   CA   sing N N 137 
LEU N   H    sing N N 138 
LEU N   H2   sing N N 139 
LEU CA  C    sing N N 140 
LEU CA  CB   sing N N 141 
LEU CA  HA   sing N N 142 
LEU C   O    doub N N 143 
LEU C   OXT  sing N N 144 
LEU CB  CG   sing N N 145 
LEU CB  HB2  sing N N 146 
LEU CB  HB3  sing N N 147 
LEU CG  CD1  sing N N 148 
LEU CG  CD2  sing N N 149 
LEU CG  HG   sing N N 150 
LEU CD1 HD11 sing N N 151 
LEU CD1 HD12 sing N N 152 
LEU CD1 HD13 sing N N 153 
LEU CD2 HD21 sing N N 154 
LEU CD2 HD22 sing N N 155 
LEU CD2 HD23 sing N N 156 
LEU OXT HXT  sing N N 157 
LYS N   CA   sing N N 158 
LYS N   H    sing N N 159 
LYS N   H2   sing N N 160 
LYS CA  C    sing N N 161 
LYS CA  CB   sing N N 162 
LYS CA  HA   sing N N 163 
LYS C   O    doub N N 164 
LYS C   OXT  sing N N 165 
LYS CB  CG   sing N N 166 
LYS CB  HB2  sing N N 167 
LYS CB  HB3  sing N N 168 
LYS CG  CD   sing N N 169 
LYS CG  HG2  sing N N 170 
LYS CG  HG3  sing N N 171 
LYS CD  CE   sing N N 172 
LYS CD  HD2  sing N N 173 
LYS CD  HD3  sing N N 174 
LYS CE  NZ   sing N N 175 
LYS CE  HE2  sing N N 176 
LYS CE  HE3  sing N N 177 
LYS NZ  HZ1  sing N N 178 
LYS NZ  HZ2  sing N N 179 
LYS NZ  HZ3  sing N N 180 
LYS OXT HXT  sing N N 181 
NH2 N   HN1  sing N N 182 
NH2 N   HN2  sing N N 183 
PHE N   CA   sing N N 184 
PHE N   H    sing N N 185 
PHE N   H2   sing N N 186 
PHE CA  C    sing N N 187 
PHE CA  CB   sing N N 188 
PHE CA  HA   sing N N 189 
PHE C   O    doub N N 190 
PHE C   OXT  sing N N 191 
PHE CB  CG   sing N N 192 
PHE CB  HB2  sing N N 193 
PHE CB  HB3  sing N N 194 
PHE CG  CD1  doub Y N 195 
PHE CG  CD2  sing Y N 196 
PHE CD1 CE1  sing Y N 197 
PHE CD1 HD1  sing N N 198 
PHE CD2 CE2  doub Y N 199 
PHE CD2 HD2  sing N N 200 
PHE CE1 CZ   doub Y N 201 
PHE CE1 HE1  sing N N 202 
PHE CE2 CZ   sing Y N 203 
PHE CE2 HE2  sing N N 204 
PHE CZ  HZ   sing N N 205 
PHE OXT HXT  sing N N 206 
SER N   CA   sing N N 207 
SER N   H    sing N N 208 
SER N   H2   sing N N 209 
SER CA  C    sing N N 210 
SER CA  CB   sing N N 211 
SER CA  HA   sing N N 212 
SER C   O    doub N N 213 
SER C   OXT  sing N N 214 
SER CB  OG   sing N N 215 
SER CB  HB2  sing N N 216 
SER CB  HB3  sing N N 217 
SER OG  HG   sing N N 218 
SER OXT HXT  sing N N 219 
THR N   CA   sing N N 220 
THR N   H    sing N N 221 
THR N   H2   sing N N 222 
THR CA  C    sing N N 223 
THR CA  CB   sing N N 224 
THR CA  HA   sing N N 225 
THR C   O    doub N N 226 
THR C   OXT  sing N N 227 
THR CB  OG1  sing N N 228 
THR CB  CG2  sing N N 229 
THR CB  HB   sing N N 230 
THR OG1 HG1  sing N N 231 
THR CG2 HG21 sing N N 232 
THR CG2 HG22 sing N N 233 
THR CG2 HG23 sing N N 234 
THR OXT HXT  sing N N 235 
TYR N   CA   sing N N 236 
TYR N   H    sing N N 237 
TYR N   H2   sing N N 238 
TYR CA  C    sing N N 239 
TYR CA  CB   sing N N 240 
TYR CA  HA   sing N N 241 
TYR C   O    doub N N 242 
TYR C   OXT  sing N N 243 
TYR CB  CG   sing N N 244 
TYR CB  HB2  sing N N 245 
TYR CB  HB3  sing N N 246 
TYR CG  CD1  doub Y N 247 
TYR CG  CD2  sing Y N 248 
TYR CD1 CE1  sing Y N 249 
TYR CD1 HD1  sing N N 250 
TYR CD2 CE2  doub Y N 251 
TYR CD2 HD2  sing N N 252 
TYR CE1 CZ   doub Y N 253 
TYR CE1 HE1  sing N N 254 
TYR CE2 CZ   sing Y N 255 
TYR CE2 HE2  sing N N 256 
TYR CZ  OH   sing N N 257 
TYR OH  HH   sing N N 258 
TYR OXT HXT  sing N N 259 
# 
_atom_sites.entry_id                    1CTA 
_atom_sites.fract_transf_matrix[1][1]   1.000000 
_atom_sites.fract_transf_matrix[1][2]   0.000000 
_atom_sites.fract_transf_matrix[1][3]   0.000000 
_atom_sites.fract_transf_matrix[2][1]   0.000000 
_atom_sites.fract_transf_matrix[2][2]   1.000000 
_atom_sites.fract_transf_matrix[2][3]   0.000000 
_atom_sites.fract_transf_matrix[3][1]   0.000000 
_atom_sites.fract_transf_matrix[3][2]   0.000000 
_atom_sites.fract_transf_matrix[3][3]   1.000000 
_atom_sites.fract_transf_vector[1]      0.00000 
_atom_sites.fract_transf_vector[2]      0.00000 
_atom_sites.fract_transf_vector[3]      0.00000 
# 
loop_
_atom_type.symbol 
C  
CA 
H  
N  
O  
# 
loop_
_atom_site.group_PDB 
_atom_site.id 
_atom_site.type_symbol 
_atom_site.label_atom_id 
_atom_site.label_alt_id 
_atom_site.label_comp_id 
_atom_site.label_asym_id 
_atom_site.label_entity_id 
_atom_site.label_seq_id 
_atom_site.pdbx_PDB_ins_code 
_atom_site.Cartn_x 
_atom_site.Cartn_y 
_atom_site.Cartn_z 
_atom_site.occupancy 
_atom_site.B_iso_or_equiv 
_atom_site.pdbx_formal_charge 
_atom_site.auth_seq_id 
_atom_site.auth_comp_id 
_atom_site.auth_asym_id 
_atom_site.auth_atom_id 
_atom_site.pdbx_PDB_model_num 
HETATM 1   C  C    . ACE A 1 1  ? -17.495 2.032   -1.961  1.00 0.00 ? 0  ACE A C    1 
HETATM 2   O  O    . ACE A 1 1  ? -16.527 2.543   -1.430  1.00 0.00 ? 0  ACE A O    1 
HETATM 3   C  CH3  . ACE A 1 1  ? -18.053 0.659   -1.603  1.00 0.00 ? 0  ACE A CH3  1 
ATOM   4   N  N    . LYS A 1 2  ? -17.976 2.650   -3.010  1.00 0.00 ? 1  LYS A N    1 
ATOM   5   C  CA   . LYS A 1 2  ? -18.020 2.974   -4.453  1.00 0.00 ? 1  LYS A CA   1 
ATOM   6   C  C    . LYS A 1 2  ? -16.632 3.152   -5.087  1.00 0.00 ? 1  LYS A C    1 
ATOM   7   O  O    . LYS A 1 2  ? -15.880 4.067   -4.745  1.00 0.00 ? 1  LYS A O    1 
ATOM   8   C  CB   . LYS A 1 2  ? -18.832 4.258   -4.673  1.00 0.00 ? 1  LYS A CB   1 
ATOM   9   C  CG   . LYS A 1 2  ? -20.206 4.267   -4.001  1.00 0.00 ? 1  LYS A CG   1 
ATOM   10  C  CD   . LYS A 1 2  ? -20.381 5.411   -2.975  1.00 0.00 ? 1  LYS A CD   1 
ATOM   11  C  CE   . LYS A 1 2  ? -19.681 5.213   -1.620  1.00 0.00 ? 1  LYS A CE   1 
ATOM   12  N  NZ   . LYS A 1 2  ? -18.221 5.371   -1.733  1.00 0.00 ? 1  LYS A NZ   1 
ATOM   13  H  H    . LYS A 1 2  ? -17.126 2.702   -2.436  1.00 0.00 ? 1  LYS A H    1 
ATOM   14  H  HZ1  . LYS A 1 2  ? -17.888 4.741   -2.438  1.00 0.00 ? 1  LYS A HZ1  1 
ATOM   15  H  HZ2  . LYS A 1 2  ? -18.004 6.305   -2.018  1.00 0.00 ? 1  LYS A HZ2  1 
ATOM   16  H  HZ3  . LYS A 1 2  ? -17.778 5.151   -0.864  1.00 0.00 ? 1  LYS A HZ3  1 
ATOM   17  N  N    . SER A 1 3  ? -16.250 2.094   -5.784  1.00 0.00 ? 2  SER A N    1 
ATOM   18  C  CA   . SER A 1 3  ? -15.096 1.973   -6.717  1.00 0.00 ? 2  SER A CA   1 
ATOM   19  C  C    . SER A 1 3  ? -14.455 3.291   -7.206  1.00 0.00 ? 2  SER A C    1 
ATOM   20  O  O    . SER A 1 3  ? -15.142 4.287   -7.428  1.00 0.00 ? 2  SER A O    1 
ATOM   21  C  CB   . SER A 1 3  ? -15.586 1.193   -7.937  1.00 0.00 ? 2  SER A CB   1 
ATOM   22  O  OG   . SER A 1 3  ? -16.176 -0.026  -7.479  1.00 0.00 ? 2  SER A OG   1 
ATOM   23  H  H    . SER A 1 3  ? -16.741 1.233   -5.699  1.00 0.00 ? 2  SER A H    1 
ATOM   24  H  HG   . SER A 1 3  ? -15.543 -0.792  -7.643  1.00 0.00 ? 2  SER A HG   1 
ATOM   25  N  N    . GLU A 1 4  ? -13.134 3.213   -7.452  1.00 0.00 ? 3  GLU A N    1 
ATOM   26  C  CA   . GLU A 1 4  ? -12.240 4.348   -7.787  1.00 0.00 ? 3  GLU A CA   1 
ATOM   27  C  C    . GLU A 1 4  ? -12.064 5.307   -6.605  1.00 0.00 ? 3  GLU A C    1 
ATOM   28  O  O    . GLU A 1 4  ? -11.020 5.321   -5.954  1.00 0.00 ? 3  GLU A O    1 
ATOM   29  C  CB   . GLU A 1 4  ? -12.682 5.111   -9.068  1.00 0.00 ? 3  GLU A CB   1 
ATOM   30  C  CG   . GLU A 1 4  ? -12.358 4.401   -10.390 1.00 0.00 ? 3  GLU A CG   1 
ATOM   31  C  CD   . GLU A 1 4  ? -12.886 2.962   -10.476 1.00 0.00 ? 3  GLU A CD   1 
ATOM   32  O  OE1  . GLU A 1 4  ? -14.125 2.793   -10.563 1.00 0.00 ? 3  GLU A OE1  1 
ATOM   33  O  OE2  . GLU A 1 4  ? -12.039 2.055   -10.381 1.00 0.00 ? 3  GLU A OE2  1 
ATOM   34  H  H    . GLU A 1 4  ? -12.682 2.326   -7.448  1.00 0.00 ? 3  GLU A H    1 
ATOM   35  N  N    . GLU A 1 5  ? -13.188 5.897   -6.201  1.00 0.00 ? 4  GLU A N    1 
ATOM   36  C  CA   . GLU A 1 5  ? -13.316 6.752   -5.012  1.00 0.00 ? 4  GLU A CA   1 
ATOM   37  C  C    . GLU A 1 5  ? -13.012 5.988   -3.708  1.00 0.00 ? 4  GLU A C    1 
ATOM   38  O  O    . GLU A 1 5  ? -12.302 6.497   -2.840  1.00 0.00 ? 4  GLU A O    1 
ATOM   39  C  CB   . GLU A 1 5  ? -14.733 7.336   -5.054  1.00 0.00 ? 4  GLU A CB   1 
ATOM   40  C  CG   . GLU A 1 5  ? -15.042 8.333   -3.945  1.00 0.00 ? 4  GLU A CG   1 
ATOM   41  C  CD   . GLU A 1 5  ? -16.205 7.819   -3.081  1.00 0.00 ? 4  GLU A CD   1 
ATOM   42  O  OE1  . GLU A 1 5  ? -17.249 7.469   -3.659  1.00 0.00 ? 4  GLU A OE1  1 
ATOM   43  O  OE2  . GLU A 1 5  ? -15.980 7.717   -1.851  1.00 0.00 ? 4  GLU A OE2  1 
ATOM   44  H  H    . GLU A 1 5  ? -14.031 5.806   -6.724  1.00 0.00 ? 4  GLU A H    1 
ATOM   45  N  N    . GLU A 1 6  ? -13.517 4.757   -3.577  1.00 0.00 ? 5  GLU A N    1 
ATOM   46  C  CA   . GLU A 1 6  ? -13.162 3.832   -2.478  1.00 0.00 ? 5  GLU A CA   1 
ATOM   47  C  C    . GLU A 1 6  ? -11.637 3.678   -2.309  1.00 0.00 ? 5  GLU A C    1 
ATOM   48  O  O    . GLU A 1 6  ? -11.114 3.808   -1.208  1.00 0.00 ? 5  GLU A O    1 
ATOM   49  C  CB   . GLU A 1 6  ? -13.785 2.459   -2.758  1.00 0.00 ? 5  GLU A CB   1 
ATOM   50  C  CG   . GLU A 1 6  ? -13.561 1.445   -1.619  1.00 0.00 ? 5  GLU A CG   1 
ATOM   51  C  CD   . GLU A 1 6  ? -14.345 0.137   -1.781  1.00 0.00 ? 5  GLU A CD   1 
ATOM   52  O  OE1  . GLU A 1 6  ? -14.682 -0.224  -2.932  1.00 0.00 ? 5  GLU A OE1  1 
ATOM   53  O  OE2  . GLU A 1 6  ? -14.615 -0.497  -0.736  1.00 0.00 ? 5  GLU A OE2  1 
ATOM   54  H  H    . GLU A 1 6  ? -14.333 4.484   -4.104  1.00 0.00 ? 5  GLU A H    1 
ATOM   55  N  N    . LEU A 1 7  ? -10.967 3.397   -3.428  1.00 0.00 ? 6  LEU A N    1 
ATOM   56  C  CA   . LEU A 1 7  ? -9.513  3.262   -3.484  1.00 0.00 ? 6  LEU A CA   1 
ATOM   57  C  C    . LEU A 1 7  ? -8.779  4.510   -2.972  1.00 0.00 ? 6  LEU A C    1 
ATOM   58  O  O    . LEU A 1 7  ? -7.974  4.399   -2.057  1.00 0.00 ? 6  LEU A O    1 
ATOM   59  C  CB   . LEU A 1 7  ? -9.154  2.962   -4.945  1.00 0.00 ? 6  LEU A CB   1 
ATOM   60  C  CG   . LEU A 1 7  ? -7.727  2.437   -5.125  1.00 0.00 ? 6  LEU A CG   1 
ATOM   61  C  CD1  . LEU A 1 7  ? -7.575  1.067   -4.456  1.00 0.00 ? 6  LEU A CD1  1 
ATOM   62  C  CD2  . LEU A 1 7  ? -7.444  2.322   -6.618  1.00 0.00 ? 6  LEU A CD2  1 
ATOM   63  H  H    . LEU A 1 7  ? -11.404 3.197   -4.296  1.00 0.00 ? 6  LEU A H    1 
ATOM   64  N  N    . ALA A 1 8  ? -9.251  5.676   -3.425  1.00 0.00 ? 7  ALA A N    1 
ATOM   65  C  CA   . ALA A 1 8  ? -8.815  6.998   -2.932  1.00 0.00 ? 7  ALA A CA   1 
ATOM   66  C  C    . ALA A 1 8  ? -8.916  7.122   -1.391  1.00 0.00 ? 7  ALA A C    1 
ATOM   67  O  O    . ALA A 1 8  ? -7.912  7.406   -0.746  1.00 0.00 ? 7  ALA A O    1 
ATOM   68  C  CB   . ALA A 1 8  ? -9.619  8.119   -3.606  1.00 0.00 ? 7  ALA A CB   1 
ATOM   69  H  H    . ALA A 1 8  ? -9.822  5.742   -4.232  1.00 0.00 ? 7  ALA A H    1 
ATOM   70  N  N    . ASN A 1 9  ? -10.059 6.738   -0.818  1.00 0.00 ? 8  ASN A N    1 
ATOM   71  C  CA   . ASN A 1 9  ? -10.239 6.689   0.643   1.00 0.00 ? 8  ASN A CA   1 
ATOM   72  C  C    . ASN A 1 9  ? -9.282  5.750   1.379   1.00 0.00 ? 8  ASN A C    1 
ATOM   73  O  O    . ASN A 1 9  ? -8.547  6.215   2.251   1.00 0.00 ? 8  ASN A O    1 
ATOM   74  C  CB   . ASN A 1 9  ? -11.687 6.271   0.942   1.00 0.00 ? 8  ASN A CB   1 
ATOM   75  C  CG   . ASN A 1 9  ? -12.716 7.376   0.757   1.00 0.00 ? 8  ASN A CG   1 
ATOM   76  O  OD1  . ASN A 1 9  ? -12.925 8.257   1.580   1.00 0.00 ? 8  ASN A OD1  1 
ATOM   77  N  ND2  . ASN A 1 9  ? -13.410 7.338   -0.364  1.00 0.00 ? 8  ASN A ND2  1 
ATOM   78  H  H    . ASN A 1 9  ? -10.882 6.519   -1.325  1.00 0.00 ? 8  ASN A H    1 
ATOM   79  H  HD21 . ASN A 1 9  ? -13.204 6.666   -1.062  1.00 0.00 ? 8  ASN A HD21 1 
ATOM   80  H  HD22 . ASN A 1 9  ? -14.176 7.968   -0.424  1.00 0.00 ? 8  ASN A HD22 1 
ATOM   81  N  N    . ALA A 1 10 ? -9.187  4.501   0.940   1.00 0.00 ? 9  ALA A N    1 
ATOM   82  C  CA   . ALA A 1 10 ? -8.241  3.530   1.514   1.00 0.00 ? 9  ALA A CA   1 
ATOM   83  C  C    . ALA A 1 10 ? -6.784  3.990   1.515   1.00 0.00 ? 9  ALA A C    1 
ATOM   84  O  O    . ALA A 1 10 ? -6.212  4.207   2.579   1.00 0.00 ? 9  ALA A O    1 
ATOM   85  C  CB   . ALA A 1 10 ? -8.395  2.165   0.822   1.00 0.00 ? 9  ALA A CB   1 
ATOM   86  H  H    . ALA A 1 10 ? -9.792  4.129   0.234   1.00 0.00 ? 9  ALA A H    1 
ATOM   87  N  N    . PHE A 1 11 ? -6.423  4.553   0.361   1.00 0.00 ? 10 PHE A N    1 
ATOM   88  C  CA   . PHE A 1 11 ? -5.135  5.217   0.096   1.00 0.00 ? 10 PHE A CA   1 
ATOM   89  C  C    . PHE A 1 11 ? -4.820  6.275   1.153   1.00 0.00 ? 10 PHE A C    1 
ATOM   90  O  O    . PHE A 1 11 ? -3.928  6.091   1.968   1.00 0.00 ? 10 PHE A O    1 
ATOM   91  C  CB   . PHE A 1 11 ? -5.191  5.881   -1.277  1.00 0.00 ? 10 PHE A CB   1 
ATOM   92  C  CG   . PHE A 1 11 ? -3.820  6.254   -1.853  1.00 0.00 ? 10 PHE A CG   1 
ATOM   93  C  CD1  . PHE A 1 11 ? -2.950  5.243   -2.318  1.00 0.00 ? 10 PHE A CD1  1 
ATOM   94  C  CD2  . PHE A 1 11 ? -3.455  7.615   -1.901  1.00 0.00 ? 10 PHE A CD2  1 
ATOM   95  C  CE1  . PHE A 1 11 ? -1.688  5.601   -2.838  1.00 0.00 ? 10 PHE A CE1  1 
ATOM   96  C  CE2  . PHE A 1 11 ? -2.199  7.981   -2.422  1.00 0.00 ? 10 PHE A CE2  1 
ATOM   97  C  CZ   . PHE A 1 11 ? -1.328  6.960   -2.877  1.00 0.00 ? 10 PHE A CZ   1 
ATOM   98  H  H    . PHE A 1 11 ? -7.069  4.539   -0.398  1.00 0.00 ? 10 PHE A H    1 
ATOM   99  N  N    . ARG A 1 12 ? -5.829  7.105   1.325   1.00 0.00 ? 11 ARG A N    1 
ATOM   100 C  CA   . ARG A 1 12 ? -5.788  8.254   2.243   1.00 0.00 ? 11 ARG A CA   1 
ATOM   101 C  C    . ARG A 1 12 ? -5.747  7.931   3.730   1.00 0.00 ? 11 ARG A C    1 
ATOM   102 O  O    . ARG A 1 12 ? -4.896  8.456   4.446   1.00 0.00 ? 11 ARG A O    1 
ATOM   103 C  CB   . ARG A 1 12 ? -6.867  9.305   1.917   1.00 0.00 ? 11 ARG A CB   1 
ATOM   104 C  CG   . ARG A 1 12 ? -6.562  10.044  0.605   1.00 0.00 ? 11 ARG A CG   1 
ATOM   105 C  CD   . ARG A 1 12 ? -5.174  10.689  0.647   1.00 0.00 ? 11 ARG A CD   1 
ATOM   106 N  NE   . ARG A 1 12 ? -4.921  11.498  -0.551  1.00 0.00 ? 11 ARG A NE   1 
ATOM   107 C  CZ   . ARG A 1 12 ? -4.648  12.808  -0.553  1.00 0.00 ? 11 ARG A CZ   1 
ATOM   108 N  NH1  . ARG A 1 12 ? -4.651  13.523  0.566   1.00 0.00 ? 11 ARG A NH1  1 
ATOM   109 N  NH2  . ARG A 1 12 ? -4.215  13.395  -1.653  1.00 0.00 ? 11 ARG A NH2  1 
ATOM   110 H  H    . ARG A 1 12 ? -6.699  6.931   0.862   1.00 0.00 ? 11 ARG A H    1 
ATOM   111 H  HE   . ARG A 1 12 ? -4.978  11.026  -1.427  1.00 0.00 ? 11 ARG A HE   1 
ATOM   112 H  HH11 . ARG A 1 12 ? -4.861  13.076  1.432   1.00 0.00 ? 11 ARG A HH11 1 
ATOM   113 H  HH12 . ARG A 1 12 ? -4.442  14.497  0.546   1.00 0.00 ? 11 ARG A HH12 1 
ATOM   114 H  HH21 . ARG A 1 12 ? -4.076  12.858  -2.491  1.00 0.00 ? 11 ARG A HH21 1 
ATOM   115 H  HH22 . ARG A 1 12 ? -4.000  14.364  -1.635  1.00 0.00 ? 11 ARG A HH22 1 
ATOM   116 N  N    . ILE A 1 13 ? -6.445  6.860   4.075   1.00 0.00 ? 12 ILE A N    1 
ATOM   117 C  CA   . ILE A 1 13 ? -6.484  6.325   5.442   1.00 0.00 ? 12 ILE A CA   1 
ATOM   118 C  C    . ILE A 1 13 ? -5.084  5.885   5.929   1.00 0.00 ? 12 ILE A C    1 
ATOM   119 O  O    . ILE A 1 13 ? -4.639  6.191   7.031   1.00 0.00 ? 12 ILE A O    1 
ATOM   120 C  CB   . ILE A 1 13 ? -7.552  5.249   5.646   1.00 0.00 ? 12 ILE A CB   1 
ATOM   121 C  CG1  . ILE A 1 13 ? -8.959  5.836   5.416   1.00 0.00 ? 12 ILE A CG1  1 
ATOM   122 C  CG2  . ILE A 1 13 ? -7.518  4.585   7.030   1.00 0.00 ? 12 ILE A CG2  1 
ATOM   123 C  CD1  . ILE A 1 13 ? -10.018 4.800   5.040   1.00 0.00 ? 12 ILE A CD1  1 
ATOM   124 H  H    . ILE A 1 13 ? -7.014  6.394   3.390   1.00 0.00 ? 12 ILE A H    1 
ATOM   125 N  N    . PHE A 1 14 ? -4.388  5.270   4.987   1.00 0.00 ? 13 PHE A N    1 
ATOM   126 C  CA   . PHE A 1 14 ? -3.023  4.741   5.094   1.00 0.00 ? 13 PHE A CA   1 
ATOM   127 C  C    . PHE A 1 14 ? -1.913  5.798   4.930   1.00 0.00 ? 13 PHE A C    1 
ATOM   128 O  O    . PHE A 1 14 ? -0.869  5.718   5.572   1.00 0.00 ? 13 PHE A O    1 
ATOM   129 C  CB   . PHE A 1 14 ? -2.935  3.671   4.020   1.00 0.00 ? 13 PHE A CB   1 
ATOM   130 C  CG   . PHE A 1 14 ? -3.784  2.417   4.282   1.00 0.00 ? 13 PHE A CG   1 
ATOM   131 C  CD1  . PHE A 1 14 ? -3.931  1.881   5.582   1.00 0.00 ? 13 PHE A CD1  1 
ATOM   132 C  CD2  . PHE A 1 14 ? -4.530  1.880   3.205   1.00 0.00 ? 13 PHE A CD2  1 
ATOM   133 C  CE1  . PHE A 1 14 ? -4.852  0.839   5.821   1.00 0.00 ? 13 PHE A CE1  1 
ATOM   134 C  CE2  . PHE A 1 14 ? -5.460  0.844   3.431   1.00 0.00 ? 13 PHE A CE2  1 
ATOM   135 C  CZ   . PHE A 1 14 ? -5.620  0.337   4.742   1.00 0.00 ? 13 PHE A CZ   1 
ATOM   136 H  H    . PHE A 1 14 ? -4.830  5.089   4.109   1.00 0.00 ? 13 PHE A H    1 
ATOM   137 N  N    . ASP A 1 15 ? -2.116  6.715   3.986   1.00 0.00 ? 14 ASP A N    1 
ATOM   138 C  CA   . ASP A 1 15 ? -1.231  7.826   3.584   1.00 0.00 ? 14 ASP A CA   1 
ATOM   139 C  C    . ASP A 1 15 ? -1.268  9.015   4.563   1.00 0.00 ? 14 ASP A C    1 
ATOM   140 O  O    . ASP A 1 15 ? -1.385  10.196  4.200   1.00 0.00 ? 14 ASP A O    1 
ATOM   141 C  CB   . ASP A 1 15 ? -1.610  8.251   2.155   1.00 0.00 ? 14 ASP A CB   1 
ATOM   142 C  CG   . ASP A 1 15 ? -0.758  9.331   1.479   1.00 0.00 ? 14 ASP A CG   1 
ATOM   143 O  OD1  . ASP A 1 15 ? 0.234   9.827   2.075   1.00 0.00 ? 14 ASP A OD1  1 
ATOM   144 O  OD2  . ASP A 1 15 ? -1.149  9.704   0.352   1.00 0.00 ? 14 ASP A OD2  1 
ATOM   145 H  H    . ASP A 1 15 ? -2.924  6.594   3.417   1.00 0.00 ? 14 ASP A H    1 
ATOM   146 N  N    . LYS A 1 16 ? -0.958  8.672   5.804   1.00 0.00 ? 15 LYS A N    1 
ATOM   147 C  CA   . LYS A 1 16 ? -0.868  9.611   6.951   1.00 0.00 ? 15 LYS A CA   1 
ATOM   148 C  C    . LYS A 1 16 ? 0.079   10.809  6.702   1.00 0.00 ? 15 LYS A C    1 
ATOM   149 O  O    . LYS A 1 16 ? -0.329  11.960  6.860   1.00 0.00 ? 15 LYS A O    1 
ATOM   150 C  CB   . LYS A 1 16 ? -0.359  8.911   8.211   1.00 0.00 ? 15 LYS A CB   1 
ATOM   151 C  CG   . LYS A 1 16 ? -1.233  7.752   8.665   1.00 0.00 ? 15 LYS A CG   1 
ATOM   152 C  CD   . LYS A 1 16 ? -0.364  6.498   8.681   1.00 0.00 ? 15 LYS A CD   1 
ATOM   153 C  CE   . LYS A 1 16 ? -0.780  5.534   9.785   1.00 0.00 ? 15 LYS A CE   1 
ATOM   154 N  NZ   . LYS A 1 16 ? -0.489  6.128   11.102  1.00 0.00 ? 15 LYS A NZ   1 
ATOM   155 H  H    . LYS A 1 16 ? -0.900  7.690   6.012   1.00 0.00 ? 15 LYS A H    1 
ATOM   156 H  HZ1  . LYS A 1 16 ? -0.620  5.435   11.804  1.00 0.00 ? 15 LYS A HZ1  1 
ATOM   157 H  HZ2  . LYS A 1 16 ? 0.457   6.452   11.124  1.00 0.00 ? 15 LYS A HZ2  1 
ATOM   158 H  HZ3  . LYS A 1 16 ? -1.129  6.889   11.261  1.00 0.00 ? 15 LYS A HZ3  1 
ATOM   159 N  N    . ASN A 1 17 ? 1.296   10.510  6.274   1.00 0.00 ? 16 ASN A N    1 
ATOM   160 C  CA   . ASN A 1 17 ? 2.373   11.495  6.044   1.00 0.00 ? 16 ASN A CA   1 
ATOM   161 C  C    . ASN A 1 17 ? 2.194   12.425  4.817   1.00 0.00 ? 16 ASN A C    1 
ATOM   162 O  O    . ASN A 1 17 ? 3.176   12.900  4.252   1.00 0.00 ? 16 ASN A O    1 
ATOM   163 C  CB   . ASN A 1 17 ? 3.685   10.688  6.015   1.00 0.00 ? 16 ASN A CB   1 
ATOM   164 C  CG   . ASN A 1 17 ? 3.678   9.594   4.945   1.00 0.00 ? 16 ASN A CG   1 
ATOM   165 O  OD1  . ASN A 1 17 ? 3.689   8.397   5.194   1.00 0.00 ? 16 ASN A OD1  1 
ATOM   166 N  ND2  . ASN A 1 17 ? 3.432   10.001  3.728   1.00 0.00 ? 16 ASN A ND2  1 
ATOM   167 H  H    . ASN A 1 17 ? 1.612   9.565   6.151   1.00 0.00 ? 16 ASN A H    1 
ATOM   168 H  HD21 . ASN A 1 17 ? 3.345   10.980  3.549   1.00 0.00 ? 16 ASN A HD21 1 
ATOM   169 H  HD22 . ASN A 1 17 ? 3.269   9.279   3.060   1.00 0.00 ? 16 ASN A HD22 1 
ATOM   170 N  N    . ALA A 1 18 ? 0.998   12.392  4.210   1.00 0.00 ? 17 ALA A N    1 
ATOM   171 C  CA   . ALA A 1 18 ? 0.484   13.370  3.215   1.00 0.00 ? 17 ALA A CA   1 
ATOM   172 C  C    . ALA A 1 18 ? 1.341   13.582  1.957   1.00 0.00 ? 17 ALA A C    1 
ATOM   173 O  O    . ALA A 1 18 ? 1.279   14.607  1.291   1.00 0.00 ? 17 ALA A O    1 
ATOM   174 C  CB   . ALA A 1 18 ? 0.156   14.688  3.941   1.00 0.00 ? 17 ALA A CB   1 
ATOM   175 H  H    . ALA A 1 18 ? 0.362   11.639  4.384   1.00 0.00 ? 17 ALA A H    1 
ATOM   176 N  N    . ASP A 1 19 ? 1.898   12.472  1.485   1.00 0.00 ? 18 ASP A N    1 
ATOM   177 C  CA   . ASP A 1 19 ? 2.825   12.477  0.330   1.00 0.00 ? 18 ASP A CA   1 
ATOM   178 C  C    . ASP A 1 19 ? 2.220   12.052  -1.015  1.00 0.00 ? 18 ASP A C    1 
ATOM   179 O  O    . ASP A 1 19 ? 2.926   12.039  -2.022  1.00 0.00 ? 18 ASP A O    1 
ATOM   180 C  CB   . ASP A 1 19 ? 4.075   11.650  0.667   1.00 0.00 ? 18 ASP A CB   1 
ATOM   181 C  CG   . ASP A 1 19 ? 3.899   10.140  0.809   1.00 0.00 ? 18 ASP A CG   1 
ATOM   182 O  OD1  . ASP A 1 19 ? 2.732   9.705   0.948   1.00 0.00 ? 18 ASP A OD1  1 
ATOM   183 O  OD2  . ASP A 1 19 ? 4.932   9.442   0.907   1.00 0.00 ? 18 ASP A OD2  1 
ATOM   184 H  H    . ASP A 1 19 ? 1.734   11.585  1.933   1.00 0.00 ? 18 ASP A H    1 
ATOM   185 N  N    . GLY A 1 20 ? 0.940   11.653  -1.015  1.00 0.00 ? 19 GLY A N    1 
ATOM   186 C  CA   . GLY A 1 20 ? 0.287   11.025  -2.180  1.00 0.00 ? 19 GLY A CA   1 
ATOM   187 C  C    . GLY A 1 20 ? 0.878   9.641   -2.526  1.00 0.00 ? 19 GLY A C    1 
ATOM   188 O  O    . GLY A 1 20 ? 0.789   9.186   -3.666  1.00 0.00 ? 19 GLY A O    1 
ATOM   189 H  H    . GLY A 1 20 ? 0.330   11.859  -0.248  1.00 0.00 ? 19 GLY A H    1 
ATOM   190 N  N    . TYR A 1 21 ? 1.452   8.996   -1.506  1.00 0.00 ? 20 TYR A N    1 
ATOM   191 C  CA   . TYR A 1 21 ? 2.087   7.662   -1.591  1.00 0.00 ? 20 TYR A CA   1 
ATOM   192 C  C    . TYR A 1 21 ? 1.757   6.845   -0.331  1.00 0.00 ? 20 TYR A C    1 
ATOM   193 O  O    . TYR A 1 21 ? 0.994   7.284   0.537   1.00 0.00 ? 20 TYR A O    1 
ATOM   194 C  CB   . TYR A 1 21 ? 3.611   7.794   -1.654  1.00 0.00 ? 20 TYR A CB   1 
ATOM   195 C  CG   . TYR A 1 21 ? 4.180   8.738   -2.720  1.00 0.00 ? 20 TYR A CG   1 
ATOM   196 C  CD1  . TYR A 1 21 ? 3.968   8.436   -4.079  1.00 0.00 ? 20 TYR A CD1  1 
ATOM   197 C  CD2  . TYR A 1 21 ? 5.012   9.801   -2.315  1.00 0.00 ? 20 TYR A CD2  1 
ATOM   198 C  CE1  . TYR A 1 21 ? 4.602   9.227   -5.068  1.00 0.00 ? 20 TYR A CE1  1 
ATOM   199 C  CE2  . TYR A 1 21 ? 5.643   10.603  -3.290  1.00 0.00 ? 20 TYR A CE2  1 
ATOM   200 C  CZ   . TYR A 1 21 ? 5.431   10.301  -4.650  1.00 0.00 ? 20 TYR A CZ   1 
ATOM   201 O  OH   . TYR A 1 21 ? 6.092   11.030  -5.593  1.00 0.00 ? 20 TYR A OH   1 
ATOM   202 H  H    . TYR A 1 21 ? 1.491   9.402   -0.597  1.00 0.00 ? 20 TYR A H    1 
ATOM   203 H  HH   . TYR A 1 21 ? 6.610   11.752  -5.136  1.00 0.00 ? 20 TYR A HH   1 
ATOM   204 N  N    . ILE A 1 22 ? 2.222   5.600   -0.334  1.00 0.00 ? 21 ILE A N    1 
ATOM   205 C  CA   . ILE A 1 22 ? 2.339   4.723   0.851   1.00 0.00 ? 21 ILE A CA   1 
ATOM   206 C  C    . ILE A 1 22 ? 3.796   4.231   0.990   1.00 0.00 ? 21 ILE A C    1 
ATOM   207 O  O    . ILE A 1 22 ? 4.415   3.801   0.017   1.00 0.00 ? 21 ILE A O    1 
ATOM   208 C  CB   . ILE A 1 22 ? 1.278   3.618   0.801   1.00 0.00 ? 21 ILE A CB   1 
ATOM   209 C  CG1  . ILE A 1 22 ? 0.019   4.038   1.566   1.00 0.00 ? 21 ILE A CG1  1 
ATOM   210 C  CG2  . ILE A 1 22 ? 1.678   2.209   1.277   1.00 0.00 ? 21 ILE A CG2  1 
ATOM   211 C  CD1  . ILE A 1 22 ? -1.015  4.754   0.696   1.00 0.00 ? 21 ILE A CD1  1 
ATOM   212 H  H    . ILE A 1 22 ? 2.440   5.168   -1.212  1.00 0.00 ? 21 ILE A H    1 
ATOM   213 N  N    . ASP A 1 23 ? 4.245   4.199   2.246   1.00 0.00 ? 22 ASP A N    1 
ATOM   214 C  CA   . ASP A 1 23 ? 5.571   3.670   2.642   1.00 0.00 ? 22 ASP A CA   1 
ATOM   215 C  C    . ASP A 1 23 ? 5.474   2.382   3.444   1.00 0.00 ? 22 ASP A C    1 
ATOM   216 O  O    . ASP A 1 23 ? 4.408   2.038   3.940   1.00 0.00 ? 22 ASP A O    1 
ATOM   217 C  CB   . ASP A 1 23 ? 6.415   4.699   3.399   1.00 0.00 ? 22 ASP A CB   1 
ATOM   218 C  CG   . ASP A 1 23 ? 5.684   5.891   4.032   1.00 0.00 ? 22 ASP A CG   1 
ATOM   219 O  OD1  . ASP A 1 23 ? 5.242   5.705   5.195   1.00 0.00 ? 22 ASP A OD1  1 
ATOM   220 O  OD2  . ASP A 1 23 ? 5.526   6.913   3.327   1.00 0.00 ? 22 ASP A OD2  1 
ATOM   221 H  H    . ASP A 1 23 ? 3.692   4.499   3.017   1.00 0.00 ? 22 ASP A H    1 
ATOM   222 N  N    . ILE A 1 24 ? 6.641   1.843   3.759   1.00 0.00 ? 23 ILE A N    1 
ATOM   223 C  CA   . ILE A 1 24 ? 6.781   0.512   4.408   1.00 0.00 ? 23 ILE A CA   1 
ATOM   224 C  C    . ILE A 1 24 ? 5.908   0.219   5.651   1.00 0.00 ? 23 ILE A C    1 
ATOM   225 O  O    . ILE A 1 24 ? 5.207   -0.776  5.669   1.00 0.00 ? 23 ILE A O    1 
ATOM   226 C  CB   . ILE A 1 24 ? 8.288   0.198   4.624   1.00 0.00 ? 23 ILE A CB   1 
ATOM   227 C  CG1  . ILE A 1 24 ? 8.539   -1.263  5.025   1.00 0.00 ? 23 ILE A CG1  1 
ATOM   228 C  CG2  . ILE A 1 24 ? 8.974   1.161   5.606   1.00 0.00 ? 23 ILE A CG2  1 
ATOM   229 C  CD1  . ILE A 1 24 ? 8.326   -2.231  3.867   1.00 0.00 ? 23 ILE A CD1  1 
ATOM   230 H  H    . ILE A 1 24 ? 7.483   2.328   3.503   1.00 0.00 ? 23 ILE A H    1 
ATOM   231 N  N    . GLU A 1 25 ? 5.827   1.175   6.577   1.00 0.00 ? 24 GLU A N    1 
ATOM   232 C  CA   . GLU A 1 25 ? 4.981   1.062   7.782   1.00 0.00 ? 24 GLU A CA   1 
ATOM   233 C  C    . GLU A 1 25 ? 3.468   1.075   7.530   1.00 0.00 ? 24 GLU A C    1 
ATOM   234 O  O    . GLU A 1 25 ? 2.673   0.365   8.136   1.00 0.00 ? 24 GLU A O    1 
ATOM   235 C  CB   . GLU A 1 25 ? 5.356   2.078   8.894   1.00 0.00 ? 24 GLU A CB   1 
ATOM   236 C  CG   . GLU A 1 25 ? 5.204   3.570   8.561   1.00 0.00 ? 24 GLU A CG   1 
ATOM   237 C  CD   . GLU A 1 25 ? 6.416   4.174   7.844   1.00 0.00 ? 24 GLU A CD   1 
ATOM   238 O  OE1  . GLU A 1 25 ? 6.630   3.819   6.662   1.00 0.00 ? 24 GLU A OE1  1 
ATOM   239 O  OE2  . GLU A 1 25 ? 7.130   4.951   8.513   1.00 0.00 ? 24 GLU A OE2  1 
ATOM   240 H  H    . GLU A 1 25 ? 6.371   2.010   6.502   1.00 0.00 ? 24 GLU A H    1 
ATOM   241 N  N    . GLU A 1 26 ? 3.120   1.936   6.592   1.00 0.00 ? 25 GLU A N    1 
ATOM   242 C  CA   . GLU A 1 26 ? 1.788   2.127   6.003   1.00 0.00 ? 25 GLU A CA   1 
ATOM   243 C  C    . GLU A 1 26 ? 1.358   0.910   5.160   1.00 0.00 ? 25 GLU A C    1 
ATOM   244 O  O    . GLU A 1 26 ? 0.221   0.465   5.243   1.00 0.00 ? 25 GLU A O    1 
ATOM   245 C  CB   . GLU A 1 26 ? 1.863   3.373   5.133   1.00 0.00 ? 25 GLU A CB   1 
ATOM   246 C  CG   . GLU A 1 26 ? 2.046   4.639   5.989   1.00 0.00 ? 25 GLU A CG   1 
ATOM   247 C  CD   . GLU A 1 26 ? 2.117   5.881   5.107   1.00 0.00 ? 25 GLU A CD   1 
ATOM   248 O  OE1  . GLU A 1 26 ? 2.772   5.749   4.048   1.00 0.00 ? 25 GLU A OE1  1 
ATOM   249 O  OE2  . GLU A 1 26 ? 1.518   6.910   5.495   1.00 0.00 ? 25 GLU A OE2  1 
ATOM   250 H  H    . GLU A 1 26 ? 3.774   2.593   6.257   1.00 0.00 ? 25 GLU A H    1 
ATOM   251 N  N    . LEU A 1 27 ? 2.295   0.385   4.369   1.00 0.00 ? 26 LEU A N    1 
ATOM   252 C  CA   . LEU A 1 27 ? 2.147   -0.915  3.683   1.00 0.00 ? 26 LEU A CA   1 
ATOM   253 C  C    . LEU A 1 27 ? 1.951   -2.034  4.713   1.00 0.00 ? 26 LEU A C    1 
ATOM   254 O  O    . LEU A 1 27 ? 1.077   -2.881  4.531   1.00 0.00 ? 26 LEU A O    1 
ATOM   255 C  CB   . LEU A 1 27 ? 3.363   -1.218  2.798   1.00 0.00 ? 26 LEU A CB   1 
ATOM   256 C  CG   . LEU A 1 27 ? 3.052   -2.425  1.914   1.00 0.00 ? 26 LEU A CG   1 
ATOM   257 C  CD1  . LEU A 1 27 ? 2.571   -1.987  0.540   1.00 0.00 ? 26 LEU A CD1  1 
ATOM   258 C  CD2  . LEU A 1 27 ? 4.287   -3.310  1.808   1.00 0.00 ? 26 LEU A CD2  1 
ATOM   259 H  H    . LEU A 1 27 ? 3.134   0.905   4.143   1.00 0.00 ? 26 LEU A H    1 
ATOM   260 N  N    . GLY A 1 28 ? 2.734   -1.981  5.790   1.00 0.00 ? 27 GLY A N    1 
ATOM   261 C  CA   . GLY A 1 28 ? 2.531   -2.770  7.017   1.00 0.00 ? 27 GLY A CA   1 
ATOM   262 C  C    . GLY A 1 28 ? 1.083   -2.714  7.502   1.00 0.00 ? 27 GLY A C    1 
ATOM   263 O  O    . GLY A 1 28 ? 0.439   -3.752  7.562   1.00 0.00 ? 27 GLY A O    1 
ATOM   264 H  H    . GLY A 1 28 ? 3.622   -1.510  5.748   1.00 0.00 ? 27 GLY A H    1 
ATOM   265 N  N    . GLU A 1 29 ? 0.541   -1.506  7.639   1.00 0.00 ? 28 GLU A N    1 
ATOM   266 C  CA   . GLU A 1 29 ? -0.880  -1.282  7.971   1.00 0.00 ? 28 GLU A CA   1 
ATOM   267 C  C    . GLU A 1 29 ? -1.924  -1.853  6.990   1.00 0.00 ? 28 GLU A C    1 
ATOM   268 O  O    . GLU A 1 29 ? -3.035  -2.160  7.414   1.00 0.00 ? 28 GLU A O    1 
ATOM   269 C  CB   . GLU A 1 29 ? -1.161  0.193   8.254   1.00 0.00 ? 28 GLU A CB   1 
ATOM   270 C  CG   . GLU A 1 29 ? -0.665  0.567   9.648   1.00 0.00 ? 28 GLU A CG   1 
ATOM   271 C  CD   . GLU A 1 29 ? -1.026  1.993   10.084  1.00 0.00 ? 28 GLU A CD   1 
ATOM   272 O  OE1  . GLU A 1 29 ? -2.015  2.554   9.556   1.00 0.00 ? 28 GLU A OE1  1 
ATOM   273 O  OE2  . GLU A 1 29 ? -0.317  2.481   10.994  1.00 0.00 ? 28 GLU A OE2  1 
ATOM   274 H  H    . GLU A 1 29 ? 1.129   -0.693  7.684   1.00 0.00 ? 28 GLU A H    1 
ATOM   275 N  N    . ILE A 1 30 ? -1.609  -1.896  5.689   1.00 0.00 ? 29 ILE A N    1 
ATOM   276 C  CA   . ILE A 1 30 ? -2.445  -2.588  4.680   1.00 0.00 ? 29 ILE A CA   1 
ATOM   277 C  C    . ILE A 1 30 ? -2.280  -4.124  4.806   1.00 0.00 ? 29 ILE A C    1 
ATOM   278 O  O    . ILE A 1 30 ? -3.251  -4.854  4.907   1.00 0.00 ? 29 ILE A O    1 
ATOM   279 C  CB   . ILE A 1 30 ? -2.160  -2.142  3.258   1.00 0.00 ? 29 ILE A CB   1 
ATOM   280 C  CG1  . ILE A 1 30 ? -2.002  -0.619  3.133   1.00 0.00 ? 29 ILE A CG1  1 
ATOM   281 C  CG2  . ILE A 1 30 ? -3.301  -2.568  2.317   1.00 0.00 ? 29 ILE A CG2  1 
ATOM   282 C  CD1  . ILE A 1 30 ? -1.108  -0.212  1.972   1.00 0.00 ? 29 ILE A CD1  1 
ATOM   283 H  H    . ILE A 1 30 ? -0.917  -1.279  5.295   1.00 0.00 ? 29 ILE A H    1 
ATOM   284 N  N    . LEU A 1 31 ? -1.027  -4.586  4.701   1.00 0.00 ? 30 LEU A N    1 
ATOM   285 C  CA   . LEU A 1 31 ? -0.661  -6.010  4.826   1.00 0.00 ? 30 LEU A CA   1 
ATOM   286 C  C    . LEU A 1 31 ? -0.919  -6.667  6.192   1.00 0.00 ? 30 LEU A C    1 
ATOM   287 O  O    . LEU A 1 31 ? -0.708  -7.862  6.405   1.00 0.00 ? 30 LEU A O    1 
ATOM   288 C  CB   . LEU A 1 31 ? 0.752   -6.279  4.298   1.00 0.00 ? 30 LEU A CB   1 
ATOM   289 C  CG   . LEU A 1 31 ? 0.719   -6.495  2.784   1.00 0.00 ? 30 LEU A CG   1 
ATOM   290 C  CD1  . LEU A 1 31 ? 2.111   -6.348  2.179   1.00 0.00 ? 30 LEU A CD1  1 
ATOM   291 C  CD2  . LEU A 1 31 ? 0.129   -7.864  2.431   1.00 0.00 ? 30 LEU A CD2  1 
ATOM   292 H  H    . LEU A 1 31 ? -0.248  -3.964  4.570   1.00 0.00 ? 30 LEU A H    1 
ATOM   293 N  N    . ARG A 1 32 ? -1.224  -5.800  7.135   1.00 0.00 ? 31 ARG A N    1 
ATOM   294 C  CA   . ARG A 1 32 ? -2.049  -6.091  8.323   1.00 0.00 ? 31 ARG A CA   1 
ATOM   295 C  C    . ARG A 1 32 ? -3.406  -6.648  7.848   1.00 0.00 ? 31 ARG A C    1 
ATOM   296 O  O    . ARG A 1 32 ? -4.366  -5.915  7.624   1.00 0.00 ? 31 ARG A O    1 
ATOM   297 C  CB   . ARG A 1 32 ? -2.279  -4.811  9.146   1.00 0.00 ? 31 ARG A CB   1 
ATOM   298 C  CG   . ARG A 1 32 ? -1.184  -4.546  10.176  1.00 0.00 ? 31 ARG A CG   1 
ATOM   299 C  CD   . ARG A 1 32 ? -1.400  -5.425  11.410  1.00 0.00 ? 31 ARG A CD   1 
ATOM   300 N  NE   . ARG A 1 32 ? -0.119  -5.700  12.080  1.00 0.00 ? 31 ARG A NE   1 
ATOM   301 C  CZ   . ARG A 1 32 ? 0.766   -6.632  11.720  1.00 0.00 ? 31 ARG A CZ   1 
ATOM   302 N  NH1  . ARG A 1 32 ? 0.723   -7.218  10.517  1.00 0.00 ? 31 ARG A NH1  1 
ATOM   303 N  NH2  . ARG A 1 32 ? 1.846   -6.826  12.446  1.00 0.00 ? 31 ARG A NH2  1 
ATOM   304 H  H    . ARG A 1 32 ? -0.814  -4.889  7.123   1.00 0.00 ? 31 ARG A H    1 
ATOM   305 H  HE   . ARG A 1 32 ? 0.074   -5.148  12.895  1.00 0.00 ? 31 ARG A HE   1 
ATOM   306 H  HH11 . ARG A 1 32 ? 0.049   -6.910  9.850   1.00 0.00 ? 31 ARG A HH11 1 
ATOM   307 H  HH12 . ARG A 1 32 ? 1.325   -7.982  10.316  1.00 0.00 ? 31 ARG A HH12 1 
ATOM   308 H  HH21 . ARG A 1 32 ? 2.006   -6.294  13.272  1.00 0.00 ? 31 ARG A HH21 1 
ATOM   309 H  HH22 . ARG A 1 32 ? 2.498   -7.530  12.168  1.00 0.00 ? 31 ARG A HH22 1 
ATOM   310 N  N    . ALA A 1 33 ? -3.435  -7.966  7.776   1.00 0.00 ? 32 ALA A N    1 
ATOM   311 C  CA   . ALA A 1 33 ? -4.647  -8.746  7.520   1.00 0.00 ? 32 ALA A CA   1 
ATOM   312 C  C    . ALA A 1 33 ? -5.460  -8.951  8.811   1.00 0.00 ? 32 ALA A C    1 
ATOM   313 O  O    . ALA A 1 33 ? -6.057  -9.987  9.112   1.00 0.00 ? 32 ALA A O    1 
ATOM   314 C  CB   . ALA A 1 33 ? -4.284  -10.092 6.896   1.00 0.00 ? 32 ALA A CB   1 
ATOM   315 H  H    . ALA A 1 33 ? -2.617  -8.523  7.913   1.00 0.00 ? 32 ALA A H    1 
ATOM   316 N  N    . THR A 1 34 ? -5.604  -7.818  9.485   1.00 0.00 ? 33 THR A N    1 
ATOM   317 C  CA   . THR A 1 34 ? -4.882  -7.483  10.720  1.00 0.00 ? 33 THR A CA   1 
ATOM   318 C  C    . THR A 1 34 ? -4.265  -8.666  11.470  1.00 0.00 ? 33 THR A C    1 
ATOM   319 O  O    . THR A 1 34 ? -4.945  -9.453  12.127  1.00 0.00 ? 33 THR A O    1 
ATOM   320 C  CB   . THR A 1 34 ? -5.656  -6.455  11.545  1.00 0.00 ? 33 THR A CB   1 
ATOM   321 O  OG1  . THR A 1 34 ? -5.945  -5.353  10.668  1.00 0.00 ? 33 THR A OG1  1 
ATOM   322 C  CG2  . THR A 1 34 ? -4.802  -5.918  12.688  1.00 0.00 ? 33 THR A CG2  1 
ATOM   323 H  H    . THR A 1 34 ? -6.081  -7.053  9.053   1.00 0.00 ? 33 THR A H    1 
ATOM   324 H  HG1  . THR A 1 34 ? -5.100  -5.008  10.256  1.00 0.00 ? 33 THR A HG1  1 
ATOM   325 N  N    . GLY A 1 35 ? -2.958  -8.773  11.256  1.00 0.00 ? 34 GLY A N    1 
ATOM   326 C  CA   . GLY A 1 35 ? -2.174  -9.989  11.512  1.00 0.00 ? 34 GLY A CA   1 
ATOM   327 C  C    . GLY A 1 35 ? -2.290  -10.915 10.288  1.00 0.00 ? 34 GLY A C    1 
ATOM   328 O  O    . GLY A 1 35 ? -1.406  -11.005 9.443   1.00 0.00 ? 34 GLY A O    1 
ATOM   329 H  H    . GLY A 1 35 ? -2.403  -7.984  10.981  1.00 0.00 ? 34 GLY A H    1 
HETATM 330 N  N    . NH2 A 1 36 ? -3.462  -11.464 10.090  1.00 0.00 ? 35 NH2 A N    1 
HETATM 331 H  HN1  . NH2 A 1 36 ? -4.195  -11.343 10.754  1.00 0.00 ? 35 NH2 A HN1  1 
HETATM 332 H  HN2  . NH2 A 1 36 ? -3.600  -11.995 9.251   1.00 0.00 ? 35 NH2 A HN2  1 
HETATM 333 C  C    . ACE B 1 1  ? 9.723   -13.552 8.714   1.00 0.00 ? 0  ACE B C    1 
HETATM 334 O  O    . ACE B 1 1  ? 9.817   -13.298 7.530   1.00 0.00 ? 0  ACE B O    1 
HETATM 335 C  CH3  . ACE B 1 1  ? 10.180  -14.868 9.342   1.00 0.00 ? 0  ACE B CH3  1 
ATOM   336 N  N    . LYS B 1 2  ? 9.156   -12.661 9.486   1.00 0.00 ? 1  LYS B N    1 
ATOM   337 C  CA   . LYS B 1 2  ? 9.580   -11.250 9.571   1.00 0.00 ? 1  LYS B CA   1 
ATOM   338 C  C    . LYS B 1 2  ? 10.719  -10.882 10.532  1.00 0.00 ? 1  LYS B C    1 
ATOM   339 O  O    . LYS B 1 2  ? 11.482  -11.743 10.960  1.00 0.00 ? 1  LYS B O    1 
ATOM   340 C  CB   . LYS B 1 2  ? 8.336   -10.345 9.563   1.00 0.00 ? 1  LYS B CB   1 
ATOM   341 C  CG   . LYS B 1 2  ? 8.314   -9.684  8.183   1.00 0.00 ? 1  LYS B CG   1 
ATOM   342 C  CD   . LYS B 1 2  ? 7.289   -8.558  8.095   1.00 0.00 ? 1  LYS B CD   1 
ATOM   343 C  CE   . LYS B 1 2  ? 5.871   -9.083  7.872   1.00 0.00 ? 1  LYS B CE   1 
ATOM   344 N  NZ   . LYS B 1 2  ? 4.953   -7.951  8.033   1.00 0.00 ? 1  LYS B NZ   1 
ATOM   345 H  H    . LYS B 1 2  ? 9.429   -13.096 8.590   1.00 0.00 ? 1  LYS B H    1 
ATOM   346 H  HZ1  . LYS B 1 2  ? 4.039   -8.222  7.719   1.00 0.00 ? 1  LYS B HZ1  1 
ATOM   347 H  HZ2  . LYS B 1 2  ? 4.901   -7.680  8.991   1.00 0.00 ? 1  LYS B HZ2  1 
ATOM   348 H  HZ3  . LYS B 1 2  ? 5.267   -7.181  7.473   1.00 0.00 ? 1  LYS B HZ3  1 
ATOM   349 N  N    . SER B 1 3  ? 10.646  -9.649  11.036  1.00 0.00 ? 2  SER B N    1 
ATOM   350 C  CA   . SER B 1 3  ? 11.725  -8.635  11.006  1.00 0.00 ? 2  SER B CA   1 
ATOM   351 C  C    . SER B 1 3  ? 11.947  -8.135  9.563   1.00 0.00 ? 2  SER B C    1 
ATOM   352 O  O    . SER B 1 3  ? 12.818  -8.623  8.853   1.00 0.00 ? 2  SER B O    1 
ATOM   353 C  CB   . SER B 1 3  ? 13.061  -9.091  11.629  1.00 0.00 ? 2  SER B CB   1 
ATOM   354 O  OG   . SER B 1 3  ? 13.931  -7.949  11.705  1.00 0.00 ? 2  SER B OG   1 
ATOM   355 H  H    . SER B 1 3  ? 9.842   -9.394  11.569  1.00 0.00 ? 2  SER B H    1 
ATOM   356 H  HG   . SER B 1 3  ? 14.099  -7.593  10.786  1.00 0.00 ? 2  SER B HG   1 
ATOM   357 N  N    . GLU B 1 4  ? 10.904  -7.449  9.116   1.00 0.00 ? 3  GLU B N    1 
ATOM   358 C  CA   . GLU B 1 4  ? 10.760  -6.627  7.883   1.00 0.00 ? 3  GLU B CA   1 
ATOM   359 C  C    . GLU B 1 4  ? 11.060  -7.183  6.482   1.00 0.00 ? 3  GLU B C    1 
ATOM   360 O  O    . GLU B 1 4  ? 10.410  -6.779  5.529   1.00 0.00 ? 3  GLU B O    1 
ATOM   361 C  CB   . GLU B 1 4  ? 11.391  -5.235  8.068   1.00 0.00 ? 3  GLU B CB   1 
ATOM   362 C  CG   . GLU B 1 4  ? 10.581  -4.325  9.008   1.00 0.00 ? 3  GLU B CG   1 
ATOM   363 C  CD   . GLU B 1 4  ? 10.572  -4.823  10.455  1.00 0.00 ? 3  GLU B CD   1 
ATOM   364 O  OE1  . GLU B 1 4  ? 11.608  -4.635  11.129  1.00 0.00 ? 3  GLU B OE1  1 
ATOM   365 O  OE2  . GLU B 1 4  ? 9.578   -5.485  10.835  1.00 0.00 ? 3  GLU B OE2  1 
ATOM   366 H  H    . GLU B 1 4  ? 10.088  -7.408  9.697   1.00 0.00 ? 3  GLU B H    1 
ATOM   367 N  N    . GLU B 1 5  ? 11.912  -8.208  6.393   1.00 0.00 ? 4  GLU B N    1 
ATOM   368 C  CA   . GLU B 1 5  ? 12.370  -8.842  5.145   1.00 0.00 ? 4  GLU B CA   1 
ATOM   369 C  C    . GLU B 1 5  ? 11.224  -9.226  4.189   1.00 0.00 ? 4  GLU B C    1 
ATOM   370 O  O    . GLU B 1 5  ? 11.168  -8.705  3.068   1.00 0.00 ? 4  GLU B O    1 
ATOM   371 C  CB   . GLU B 1 5  ? 13.237  -10.041 5.549   1.00 0.00 ? 4  GLU B CB   1 
ATOM   372 C  CG   . GLU B 1 5  ? 14.118  -10.568 4.423   1.00 0.00 ? 4  GLU B CG   1 
ATOM   373 C  CD   . GLU B 1 5  ? 15.432  -11.176 4.943   1.00 0.00 ? 4  GLU B CD   1 
ATOM   374 O  OE1  . GLU B 1 5  ? 15.401  -11.825 6.013   1.00 0.00 ? 4  GLU B OE1  1 
ATOM   375 O  OE2  . GLU B 1 5  ? 16.447  -10.962 4.256   1.00 0.00 ? 4  GLU B OE2  1 
ATOM   376 H  H    . GLU B 1 5  ? 12.384  -8.531  7.219   1.00 0.00 ? 4  GLU B H    1 
ATOM   377 N  N    . GLU B 1 6  ? 10.257  -10.005 4.669   1.00 0.00 ? 5  GLU B N    1 
ATOM   378 C  CA   . GLU B 1 6  ? 9.043   -10.368 3.900   1.00 0.00 ? 5  GLU B CA   1 
ATOM   379 C  C    . GLU B 1 6  ? 8.301   -9.141  3.338   1.00 0.00 ? 5  GLU B C    1 
ATOM   380 O  O    . GLU B 1 6  ? 8.111   -9.028  2.128   1.00 0.00 ? 5  GLU B O    1 
ATOM   381 C  CB   . GLU B 1 6  ? 8.092   -11.199 4.766   1.00 0.00 ? 5  GLU B CB   1 
ATOM   382 C  CG   . GLU B 1 6  ? 7.717   -12.532 4.106   1.00 0.00 ? 5  GLU B CG   1 
ATOM   383 C  CD   . GLU B 1 6  ? 8.776   -13.614 4.348   1.00 0.00 ? 5  GLU B CD   1 
ATOM   384 O  OE1  . GLU B 1 6  ? 9.790   -13.591 3.628   1.00 0.00 ? 5  GLU B OE1  1 
ATOM   385 O  OE2  . GLU B 1 6  ? 8.539   -14.413 5.281   1.00 0.00 ? 5  GLU B OE2  1 
ATOM   386 H  H    . GLU B 1 6  ? 10.368  -10.488 5.540   1.00 0.00 ? 5  GLU B H    1 
ATOM   387 N  N    . LEU B 1 7  ? 8.015   -8.173  4.211   1.00 0.00 ? 6  LEU B N    1 
ATOM   388 C  CA   . LEU B 1 7  ? 7.349   -6.918  3.840   1.00 0.00 ? 6  LEU B CA   1 
ATOM   389 C  C    . LEU B 1 7  ? 8.123   -6.056  2.837   1.00 0.00 ? 6  LEU B C    1 
ATOM   390 O  O    . LEU B 1 7  ? 7.538   -5.576  1.876   1.00 0.00 ? 6  LEU B O    1 
ATOM   391 C  CB   . LEU B 1 7  ? 7.065   -6.117  5.111   1.00 0.00 ? 6  LEU B CB   1 
ATOM   392 C  CG   . LEU B 1 7  ? 5.800   -5.261  4.956   1.00 0.00 ? 6  LEU B CG   1 
ATOM   393 C  CD1  . LEU B 1 7  ? 4.553   -6.121  5.107   1.00 0.00 ? 6  LEU B CD1  1 
ATOM   394 C  CD2  . LEU B 1 7  ? 5.801   -4.193  6.041   1.00 0.00 ? 6  LEU B CD2  1 
ATOM   395 H  H    . LEU B 1 7  ? 8.167   -8.269  5.189   1.00 0.00 ? 6  LEU B H    1 
ATOM   396 N  N    . ALA B 1 8  ? 9.434   -5.926  3.043   1.00 0.00 ? 7  ALA B N    1 
ATOM   397 C  CA   . ALA B 1 8  ? 10.355  -5.246  2.128   1.00 0.00 ? 7  ALA B CA   1 
ATOM   398 C  C    . ALA B 1 8  ? 10.263  -5.787  0.682   1.00 0.00 ? 7  ALA B C    1 
ATOM   399 O  O    . ALA B 1 8  ? 10.026  -5.022  -0.244  1.00 0.00 ? 7  ALA B O    1 
ATOM   400 C  CB   . ALA B 1 8  ? 11.801  -5.362  2.632   1.00 0.00 ? 7  ALA B CB   1 
ATOM   401 H  H    . ALA B 1 8  ? 9.869   -6.199  3.895   1.00 0.00 ? 7  ALA B H    1 
ATOM   402 N  N    . ASN B 1 9  ? 10.254  -7.109  0.563   1.00 0.00 ? 8  ASN B N    1 
ATOM   403 C  CA   . ASN B 1 9  ? 10.025  -7.815  -0.714  1.00 0.00 ? 8  ASN B CA   1 
ATOM   404 C  C    . ASN B 1 9  ? 8.632   -7.592  -1.304  1.00 0.00 ? 8  ASN B C    1 
ATOM   405 O  O    . ASN B 1 9  ? 8.520   -7.167  -2.451  1.00 0.00 ? 8  ASN B O    1 
ATOM   406 C  CB   . ASN B 1 9  ? 10.298  -9.300  -0.490  1.00 0.00 ? 8  ASN B CB   1 
ATOM   407 C  CG   . ASN B 1 9  ? 11.796  -9.633  -0.431  1.00 0.00 ? 8  ASN B CG   1 
ATOM   408 O  OD1  . ASN B 1 9  ? 12.457  -9.898  -1.426  1.00 0.00 ? 8  ASN B OD1  1 
ATOM   409 N  ND2  . ASN B 1 9  ? 12.364  -9.622  0.745   1.00 0.00 ? 8  ASN B ND2  1 
ATOM   410 H  H    . ASN B 1 9  ? 10.475  -7.736  1.308   1.00 0.00 ? 8  ASN B H    1 
ATOM   411 H  HD21 . ASN B 1 9  ? 11.845  -9.389  1.576   1.00 0.00 ? 8  ASN B HD21 1 
ATOM   412 H  HD22 . ASN B 1 9  ? 13.337  -9.834  0.751   1.00 0.00 ? 8  ASN B HD22 1 
ATOM   413 N  N    . ALA B 1 10 ? 7.595   -7.713  -0.470  1.00 0.00 ? 9  ALA B N    1 
ATOM   414 C  CA   . ALA B 1 10 ? 6.209   -7.400  -0.889  1.00 0.00 ? 9  ALA B CA   1 
ATOM   415 C  C    . ALA B 1 10 ? 6.006   -5.968  -1.421  1.00 0.00 ? 9  ALA B C    1 
ATOM   416 O  O    . ALA B 1 10 ? 5.627   -5.790  -2.574  1.00 0.00 ? 9  ALA B O    1 
ATOM   417 C  CB   . ALA B 1 10 ? 5.244   -7.710  0.258   1.00 0.00 ? 9  ALA B CB   1 
ATOM   418 H  H    . ALA B 1 10 ? 7.674   -8.119  0.435   1.00 0.00 ? 9  ALA B H    1 
ATOM   419 N  N    . PHE B 1 11 ? 6.611   -5.052  -0.683  1.00 0.00 ? 10 PHE B N    1 
ATOM   420 C  CA   . PHE B 1 11 ? 6.717   -3.613  -1.002  1.00 0.00 ? 10 PHE B CA   1 
ATOM   421 C  C    . PHE B 1 11 ? 7.280   -3.395  -2.405  1.00 0.00 ? 10 PHE B C    1 
ATOM   422 O  O    . PHE B 1 11 ? 6.561   -2.968  -3.297  1.00 0.00 ? 10 PHE B O    1 
ATOM   423 C  CB   . PHE B 1 11 ? 7.638   -2.938  0.022   1.00 0.00 ? 10 PHE B CB   1 
ATOM   424 C  CG   . PHE B 1 11 ? 7.562   -1.401  0.090   1.00 0.00 ? 10 PHE B CG   1 
ATOM   425 C  CD1  . PHE B 1 11 ? 6.328   -0.715  0.061   1.00 0.00 ? 10 PHE B CD1  1 
ATOM   426 C  CD2  . PHE B 1 11 ? 8.779   -0.698  0.252   1.00 0.00 ? 10 PHE B CD2  1 
ATOM   427 C  CE1  . PHE B 1 11 ? 6.305   0.693   0.184   1.00 0.00 ? 10 PHE B CE1  1 
ATOM   428 C  CE2  . PHE B 1 11 ? 8.763   0.704   0.389   1.00 0.00 ? 10 PHE B CE2  1 
ATOM   429 C  CZ   . PHE B 1 11 ? 7.526   1.387   0.346   1.00 0.00 ? 10 PHE B CZ   1 
ATOM   430 H  H    . PHE B 1 11 ? 7.020   -5.328  0.189   1.00 0.00 ? 10 PHE B H    1 
ATOM   431 N  N    . ARG B 1 12 ? 8.384   -4.097  -2.603  1.00 0.00 ? 11 ARG B N    1 
ATOM   432 C  CA   . ARG B 1 12 ? 9.165   -4.096  -3.844  1.00 0.00 ? 11 ARG B CA   1 
ATOM   433 C  C    . ARG B 1 12 ? 8.447   -4.627  -5.076  1.00 0.00 ? 11 ARG B C    1 
ATOM   434 O  O    . ARG B 1 12 ? 8.334   -3.920  -6.069  1.00 0.00 ? 11 ARG B O    1 
ATOM   435 C  CB   . ARG B 1 12 ? 10.507  -4.818  -3.631  1.00 0.00 ? 11 ARG B CB   1 
ATOM   436 C  CG   . ARG B 1 12 ? 11.558  -3.845  -3.114  1.00 0.00 ? 11 ARG B CG   1 
ATOM   437 C  CD   . ARG B 1 12 ? 12.020  -2.952  -4.279  1.00 0.00 ? 11 ARG B CD   1 
ATOM   438 N  NE   . ARG B 1 12 ? 12.506  -1.659  -3.790  1.00 0.00 ? 11 ARG B NE   1 
ATOM   439 C  CZ   . ARG B 1 12 ? 12.959  -0.667  -4.560  1.00 0.00 ? 11 ARG B CZ   1 
ATOM   440 N  NH1  . ARG B 1 12 ? 13.085  -0.793  -5.883  1.00 0.00 ? 11 ARG B NH1  1 
ATOM   441 N  NH2  . ARG B 1 12 ? 13.109  0.548   -4.063  1.00 0.00 ? 11 ARG B NH2  1 
ATOM   442 H  H    . ARG B 1 12 ? 8.682   -4.726  -1.889  1.00 0.00 ? 11 ARG B H    1 
ATOM   443 H  HE   . ARG B 1 12 ? 12.503  -1.532  -2.805  1.00 0.00 ? 11 ARG B HE   1 
ATOM   444 H  HH11 . ARG B 1 12 ? 12.818  -1.663  -6.303  1.00 0.00 ? 11 ARG B HH11 1 
ATOM   445 H  HH12 . ARG B 1 12 ? 13.434  -0.047  -6.431  1.00 0.00 ? 11 ARG B HH12 1 
ATOM   446 H  HH21 . ARG B 1 12 ? 12.869  0.739   -3.114  1.00 0.00 ? 11 ARG B HH21 1 
ATOM   447 H  HH22 . ARG B 1 12 ? 13.467  1.274   -4.645  1.00 0.00 ? 11 ARG B HH22 1 
ATOM   448 N  N    . ILE B 1 13 ? 7.697   -5.692  -4.824  1.00 0.00 ? 12 ILE B N    1 
ATOM   449 C  CA   . ILE B 1 13 ? 6.879   -6.362  -5.841  1.00 0.00 ? 12 ILE B CA   1 
ATOM   450 C  C    . ILE B 1 13 ? 5.762   -5.448  -6.411  1.00 0.00 ? 12 ILE B C    1 
ATOM   451 O  O    . ILE B 1 13 ? 5.504   -5.389  -7.611  1.00 0.00 ? 12 ILE B O    1 
ATOM   452 C  CB   . ILE B 1 13 ? 6.369   -7.736  -5.412  1.00 0.00 ? 12 ILE B CB   1 
ATOM   453 C  CG1  . ILE B 1 13 ? 7.556   -8.677  -5.133  1.00 0.00 ? 12 ILE B CG1  1 
ATOM   454 C  CG2  . ILE B 1 13 ? 5.426   -8.410  -6.424  1.00 0.00 ? 12 ILE B CG2  1 
ATOM   455 C  CD1  . ILE B 1 13 ? 7.236   -9.830  -4.172  1.00 0.00 ? 12 ILE B CD1  1 
ATOM   456 H  H    . ILE B 1 13 ? 7.716   -6.112  -3.917  1.00 0.00 ? 12 ILE B H    1 
ATOM   457 N  N    . PHE B 1 14 ? 5.170   -4.713  -5.481  1.00 0.00 ? 13 PHE B N    1 
ATOM   458 C  CA   . PHE B 1 14 ? 4.118   -3.706  -5.700  1.00 0.00 ? 13 PHE B CA   1 
ATOM   459 C  C    . PHE B 1 14 ? 4.656   -2.362  -6.247  1.00 0.00 ? 13 PHE B C    1 
ATOM   460 O  O    . PHE B 1 14 ? 3.982   -1.673  -7.010  1.00 0.00 ? 13 PHE B O    1 
ATOM   461 C  CB   . PHE B 1 14 ? 3.470   -3.509  -4.338  1.00 0.00 ? 13 PHE B CB   1 
ATOM   462 C  CG   . PHE B 1 14 ? 2.639   -4.708  -3.826  1.00 0.00 ? 13 PHE B CG   1 
ATOM   463 C  CD1  . PHE B 1 14 ? 1.882   -5.529  -4.698  1.00 0.00 ? 13 PHE B CD1  1 
ATOM   464 C  CD2  . PHE B 1 14 ? 2.708   -5.010  -2.445  1.00 0.00 ? 13 PHE B CD2  1 
ATOM   465 C  CE1  . PHE B 1 14 ? 1.203   -6.658  -4.197  1.00 0.00 ? 13 PHE B CE1  1 
ATOM   466 C  CE2  . PHE B 1 14 ? 2.038   -6.145  -1.930  1.00 0.00 ? 13 PHE B CE2  1 
ATOM   467 C  CZ   . PHE B 1 14 ? 1.296   -6.957  -2.815  1.00 0.00 ? 13 PHE B CZ   1 
ATOM   468 H  H    . PHE B 1 14 ? 5.418   -4.869  -4.525  1.00 0.00 ? 13 PHE B H    1 
ATOM   469 N  N    . ASP B 1 15 ? 5.813   -1.959  -5.725  1.00 0.00 ? 14 ASP B N    1 
ATOM   470 C  CA   . ASP B 1 15 ? 6.607   -0.757  -6.061  1.00 0.00 ? 14 ASP B CA   1 
ATOM   471 C  C    . ASP B 1 15 ? 7.333   -0.905  -7.420  1.00 0.00 ? 14 ASP B C    1 
ATOM   472 O  O    . ASP B 1 15 ? 8.522   -0.633  -7.572  1.00 0.00 ? 14 ASP B O    1 
ATOM   473 C  CB   . ASP B 1 15 ? 7.585   -0.506  -4.899  1.00 0.00 ? 14 ASP B CB   1 
ATOM   474 C  CG   . ASP B 1 15 ? 8.470   0.739   -4.974  1.00 0.00 ? 14 ASP B CG   1 
ATOM   475 O  OD1  . ASP B 1 15 ? 8.367   1.538   -5.930  1.00 0.00 ? 14 ASP B OD1  1 
ATOM   476 O  OD2  . ASP B 1 15 ? 9.306   0.859   -4.049  1.00 0.00 ? 14 ASP B OD2  1 
ATOM   477 H  H    . ASP B 1 15 ? 6.169   -2.475  -4.945  1.00 0.00 ? 14 ASP B H    1 
ATOM   478 N  N    . LYS B 1 16 ? 6.495   -1.172  -8.400  1.00 0.00 ? 15 LYS B N    1 
ATOM   479 C  CA   . LYS B 1 16 ? 6.826   -1.335  -9.834  1.00 0.00 ? 15 LYS B CA   1 
ATOM   480 C  C    . LYS B 1 16 ? 7.736   -0.195  -10.366 1.00 0.00 ? 15 LYS B C    1 
ATOM   481 O  O    . LYS B 1 16 ? 8.786   -0.478  -10.930 1.00 0.00 ? 15 LYS B O    1 
ATOM   482 C  CB   . LYS B 1 16 ? 5.552   -1.410  -10.660 1.00 0.00 ? 15 LYS B CB   1 
ATOM   483 C  CG   . LYS B 1 16 ? 4.731   -2.634  -10.240 1.00 0.00 ? 15 LYS B CG   1 
ATOM   484 C  CD   . LYS B 1 16 ? 3.329   -2.484  -10.805 1.00 0.00 ? 15 LYS B CD   1 
ATOM   485 C  CE   . LYS B 1 16 ? 2.340   -3.399  -10.092 1.00 0.00 ? 15 LYS B CE   1 
ATOM   486 N  NZ   . LYS B 1 16 ? 2.517   -4.806  -10.492 1.00 0.00 ? 15 LYS B NZ   1 
ATOM   487 H  H    . LYS B 1 16 ? 5.543   -1.384  -8.149  1.00 0.00 ? 15 LYS B H    1 
ATOM   488 H  HZ1  . LYS B 1 16 ? 1.695   -5.104  -10.982 1.00 0.00 ? 15 LYS B HZ1  1 
ATOM   489 H  HZ2  . LYS B 1 16 ? 3.299   -4.893  -11.101 1.00 0.00 ? 15 LYS B HZ2  1 
ATOM   490 H  HZ3  . LYS B 1 16 ? 2.639   -5.370  -9.679  1.00 0.00 ? 15 LYS B HZ3  1 
ATOM   491 N  N    . ASN B 1 17 ? 7.350   1.059   -10.116 1.00 0.00 ? 16 ASN B N    1 
ATOM   492 C  CA   . ASN B 1 17 ? 8.123   2.229   -10.550 1.00 0.00 ? 16 ASN B CA   1 
ATOM   493 C  C    . ASN B 1 17 ? 9.301   2.664   -9.656  1.00 0.00 ? 16 ASN B C    1 
ATOM   494 O  O    . ASN B 1 17 ? 9.712   3.821   -9.670  1.00 0.00 ? 16 ASN B O    1 
ATOM   495 C  CB   . ASN B 1 17 ? 7.133   3.372   -10.857 1.00 0.00 ? 16 ASN B CB   1 
ATOM   496 C  CG   . ASN B 1 17 ? 6.208   3.780   -9.710  1.00 0.00 ? 16 ASN B CG   1 
ATOM   497 O  OD1  . ASN B 1 17 ? 5.299   3.065   -9.323  1.00 0.00 ? 16 ASN B OD1  1 
ATOM   498 N  ND2  . ASN B 1 17 ? 6.359   4.995   -9.236  1.00 0.00 ? 16 ASN B ND2  1 
ATOM   499 H  H    . ASN B 1 17 ? 6.445   1.309   -9.761  1.00 0.00 ? 16 ASN B H    1 
ATOM   500 H  HD21 . ASN B 1 17 ? 7.047   5.610   -9.621  1.00 0.00 ? 16 ASN B HD21 1 
ATOM   501 H  HD22 . ASN B 1 17 ? 5.731   5.293   -8.514  1.00 0.00 ? 16 ASN B HD22 1 
ATOM   502 N  N    . ALA B 1 18 ? 9.749   1.739   -8.785  1.00 0.00 ? 17 ALA B N    1 
ATOM   503 C  CA   . ALA B 1 18 ? 11.034  1.743   -8.051  1.00 0.00 ? 17 ALA B CA   1 
ATOM   504 C  C    . ALA B 1 18 ? 11.384  3.004   -7.237  1.00 0.00 ? 17 ALA B C    1 
ATOM   505 O  O    . ALA B 1 18 ? 12.485  3.147   -6.723  1.00 0.00 ? 17 ALA B O    1 
ATOM   506 C  CB   . ALA B 1 18 ? 12.173  1.365   -9.013  1.00 0.00 ? 17 ALA B CB   1 
ATOM   507 H  H    . ALA B 1 18 ? 9.145   0.990   -8.515  1.00 0.00 ? 17 ALA B H    1 
ATOM   508 N  N    . ASP B 1 19 ? 10.312  3.663   -6.793  1.00 0.00 ? 18 ASP B N    1 
ATOM   509 C  CA   . ASP B 1 19 ? 10.391  4.971   -6.094  1.00 0.00 ? 18 ASP B CA   1 
ATOM   510 C  C    . ASP B 1 19 ? 10.504  4.885   -4.562  1.00 0.00 ? 18 ASP B C    1 
ATOM   511 O  O    . ASP B 1 19 ? 10.469  5.919   -3.891  1.00 0.00 ? 18 ASP B O    1 
ATOM   512 C  CB   . ASP B 1 19 ? 9.202   5.839   -6.527  1.00 0.00 ? 18 ASP B CB   1 
ATOM   513 C  CG   . ASP B 1 19 ? 7.805   5.341   -6.141  1.00 0.00 ? 18 ASP B CG   1 
ATOM   514 O  OD1  . ASP B 1 19 ? 7.722   4.217   -5.592  1.00 0.00 ? 18 ASP B OD1  1 
ATOM   515 O  OD2  . ASP B 1 19 ? 6.831   6.084   -6.416  1.00 0.00 ? 18 ASP B OD2  1 
ATOM   516 H  H    . ASP B 1 19 ? 9.403   3.259   -6.917  1.00 0.00 ? 18 ASP B H    1 
ATOM   517 N  N    . GLY B 1 20 ? 10.591  3.664   -4.029  1.00 0.00 ? 19 GLY B N    1 
ATOM   518 C  CA   . GLY B 1 20 ? 10.533  3.383   -2.581  1.00 0.00 ? 19 GLY B CA   1 
ATOM   519 C  C    . GLY B 1 20 ? 9.154   3.693   -1.959  1.00 0.00 ? 19 GLY B C    1 
ATOM   520 O  O    . GLY B 1 20 ? 9.054   3.896   -0.753  1.00 0.00 ? 19 GLY B O    1 
ATOM   521 H  H    . GLY B 1 20 ? 10.762  2.873   -4.612  1.00 0.00 ? 19 GLY B H    1 
ATOM   522 N  N    . TYR B 1 21 ? 8.122   3.706   -2.803  1.00 0.00 ? 20 TYR B N    1 
ATOM   523 C  CA   . TYR B 1 21 ? 6.728   3.997   -2.432  1.00 0.00 ? 20 TYR B CA   1 
ATOM   524 C  C    . TYR B 1 21 ? 5.747   3.106   -3.203  1.00 0.00 ? 20 TYR B C    1 
ATOM   525 O  O    . TYR B 1 21 ? 6.140   2.267   -4.017  1.00 0.00 ? 20 TYR B O    1 
ATOM   526 C  CB   . TYR B 1 21 ? 6.357   5.431   -2.831  1.00 0.00 ? 20 TYR B CB   1 
ATOM   527 C  CG   . TYR B 1 21 ? 7.364   6.547   -2.520  1.00 0.00 ? 20 TYR B CG   1 
ATOM   528 C  CD1  . TYR B 1 21 ? 7.718   6.806   -1.167  1.00 0.00 ? 20 TYR B CD1  1 
ATOM   529 C  CD2  . TYR B 1 21 ? 7.784   7.414   -3.552  1.00 0.00 ? 20 TYR B CD2  1 
ATOM   530 C  CE1  . TYR B 1 21 ? 8.511   7.920   -0.861  1.00 0.00 ? 20 TYR B CE1  1 
ATOM   531 C  CE2  . TYR B 1 21 ? 8.581   8.530   -3.255  1.00 0.00 ? 20 TYR B CE2  1 
ATOM   532 C  CZ   . TYR B 1 21 ? 8.934   8.776   -1.905  1.00 0.00 ? 20 TYR B CZ   1 
ATOM   533 O  OH   . TYR B 1 21 ? 9.676   9.869   -1.607  1.00 0.00 ? 20 TYR B OH   1 
ATOM   534 H  H    . TYR B 1 21 ? 8.248   3.584   -3.794  1.00 0.00 ? 20 TYR B H    1 
ATOM   535 H  HH   . TYR B 1 21 ? 9.878   9.864   -0.629  1.00 0.00 ? 20 TYR B HH   1 
ATOM   536 N  N    . ILE B 1 22 ? 4.489   3.190   -2.787  1.00 0.00 ? 21 ILE B N    1 
ATOM   537 C  CA   . ILE B 1 22 ? 3.304   2.739   -3.550  1.00 0.00 ? 21 ILE B CA   1 
ATOM   538 C  C    . ILE B 1 22 ? 2.395   3.952   -3.904  1.00 0.00 ? 21 ILE B C    1 
ATOM   539 O  O    . ILE B 1 22 ? 2.150   4.812   -3.068  1.00 0.00 ? 21 ILE B O    1 
ATOM   540 C  CB   . ILE B 1 22 ? 2.603   1.605   -2.799  1.00 0.00 ? 21 ILE B CB   1 
ATOM   541 C  CG1  . ILE B 1 22 ? 3.002   0.238   -3.352  1.00 0.00 ? 21 ILE B CG1  1 
ATOM   542 C  CG2  . ILE B 1 22 ? 1.063   1.655   -2.692  1.00 0.00 ? 21 ILE B CG2  1 
ATOM   543 C  CD1  . ILE B 1 22 ? 4.362   -0.234  -2.834  1.00 0.00 ? 21 ILE B CD1  1 
ATOM   544 H  H    . ILE B 1 22 ? 4.321   3.460   -1.840  1.00 0.00 ? 21 ILE B H    1 
ATOM   545 N  N    . ASP B 1 23 ? 1.842   3.911   -5.114  1.00 0.00 ? 22 ASP B N    1 
ATOM   546 C  CA   . ASP B 1 23 ? 0.815   4.863   -5.607  1.00 0.00 ? 22 ASP B CA   1 
ATOM   547 C  C    . ASP B 1 23 ? -0.532  4.213   -5.857  1.00 0.00 ? 22 ASP B C    1 
ATOM   548 O  O    . ASP B 1 23 ? -0.649  2.995   -5.917  1.00 0.00 ? 22 ASP B O    1 
ATOM   549 C  CB   . ASP B 1 23 ? 1.285   5.627   -6.843  1.00 0.00 ? 22 ASP B CB   1 
ATOM   550 C  CG   . ASP B 1 23 ? 2.446   5.036   -7.661  1.00 0.00 ? 22 ASP B CG   1 
ATOM   551 O  OD1  . ASP B 1 23 ? 2.109   4.172   -8.504  1.00 0.00 ? 22 ASP B OD1  1 
ATOM   552 O  OD2  . ASP B 1 23 ? 3.602   5.449   -7.445  1.00 0.00 ? 22 ASP B OD2  1 
ATOM   553 H  H    . ASP B 1 23 ? 2.091   3.209   -5.785  1.00 0.00 ? 22 ASP B H    1 
ATOM   554 N  N    . ILE B 1 24 ? -1.476  5.060   -6.242  1.00 0.00 ? 23 ILE B N    1 
ATOM   555 C  CA   . ILE B 1 24 ? -2.901  4.702   -6.375  1.00 0.00 ? 23 ILE B CA   1 
ATOM   556 C  C    . ILE B 1 24 ? -3.263  3.404   -7.133  1.00 0.00 ? 23 ILE B C    1 
ATOM   557 O  O    . ILE B 1 24 ? -3.947  2.560   -6.559  1.00 0.00 ? 23 ILE B O    1 
ATOM   558 C  CB   . ILE B 1 24 ? -3.709  5.944   -6.831  1.00 0.00 ? 23 ILE B CB   1 
ATOM   559 C  CG1  . ILE B 1 24 ? -5.231  5.764   -6.662  1.00 0.00 ? 23 ILE B CG1  1 
ATOM   560 C  CG2  . ILE B 1 24 ? -3.376  6.397   -8.250  1.00 0.00 ? 23 ILE B CG2  1 
ATOM   561 C  CD1  . ILE B 1 24 ? -5.667  5.805   -5.195  1.00 0.00 ? 23 ILE B CD1  1 
ATOM   562 H  H    . ILE B 1 24 ? -1.227  6.026   -6.379  1.00 0.00 ? 23 ILE B H    1 
ATOM   563 N  N    . GLU B 1 25 ? -2.650  3.168   -8.294  1.00 0.00 ? 24 GLU B N    1 
ATOM   564 C  CA   . GLU B 1 25 ? -2.886  1.913   -9.037  1.00 0.00 ? 24 GLU B CA   1 
ATOM   565 C  C    . GLU B 1 25 ? -2.228  0.644   -8.491  1.00 0.00 ? 24 GLU B C    1 
ATOM   566 O  O    . GLU B 1 25 ? -2.781  -0.451  -8.513  1.00 0.00 ? 24 GLU B O    1 
ATOM   567 C  CB   . GLU B 1 25 ? -2.719  1.960   -10.562 1.00 0.00 ? 24 GLU B CB   1 
ATOM   568 C  CG   . GLU B 1 25 ? -1.428  2.580   -11.100 1.00 0.00 ? 24 GLU B CG   1 
ATOM   569 C  CD   . GLU B 1 25 ? -1.652  4.051   -11.428 1.00 0.00 ? 24 GLU B CD   1 
ATOM   570 O  OE1  . GLU B 1 25 ? -1.462  4.858   -10.490 1.00 0.00 ? 24 GLU B OE1  1 
ATOM   571 O  OE2  . GLU B 1 25 ? -2.046  4.337   -12.587 1.00 0.00 ? 24 GLU B OE2  1 
ATOM   572 H  H    . GLU B 1 25 ? -2.018  3.830   -8.684  1.00 0.00 ? 24 GLU B H    1 
ATOM   573 N  N    . GLU B 1 26 ? -1.022  0.864   -7.986  1.00 0.00 ? 25 GLU B N    1 
ATOM   574 C  CA   . GLU B 1 26 ? -0.239  -0.071  -7.177  1.00 0.00 ? 25 GLU B CA   1 
ATOM   575 C  C    . GLU B 1 26 ? -0.987  -0.458  -5.882  1.00 0.00 ? 25 GLU B C    1 
ATOM   576 O  O    . GLU B 1 26 ? -1.078  -1.641  -5.556  1.00 0.00 ? 25 GLU B O    1 
ATOM   577 C  CB   . GLU B 1 26 ? 1.084   0.594   -6.844  1.00 0.00 ? 25 GLU B CB   1 
ATOM   578 C  CG   . GLU B 1 26 ? 1.997   0.702   -8.063  1.00 0.00 ? 25 GLU B CG   1 
ATOM   579 C  CD   . GLU B 1 26 ? 3.344   1.315   -7.695  1.00 0.00 ? 25 GLU B CD   1 
ATOM   580 O  OE1  . GLU B 1 26 ? 3.315   2.291   -6.908  1.00 0.00 ? 25 GLU B OE1  1 
ATOM   581 O  OE2  . GLU B 1 26 ? 4.368   0.807   -8.198  1.00 0.00 ? 25 GLU B OE2  1 
ATOM   582 H  H    . GLU B 1 26 ? -0.541  1.692   -8.232  1.00 0.00 ? 25 GLU B H    1 
ATOM   583 N  N    . LEU B 1 27 ? -1.590  0.543   -5.229  1.00 0.00 ? 26 LEU B N    1 
ATOM   584 C  CA   . LEU B 1 27 ? -2.507  0.319   -4.095  1.00 0.00 ? 26 LEU B CA   1 
ATOM   585 C  C    . LEU B 1 27 ? -3.743  -0.478  -4.528  1.00 0.00 ? 26 LEU B C    1 
ATOM   586 O  O    . LEU B 1 27 ? -4.140  -1.405  -3.829  1.00 0.00 ? 26 LEU B O    1 
ATOM   587 C  CB   . LEU B 1 27 ? -2.922  1.647   -3.456  1.00 0.00 ? 26 LEU B CB   1 
ATOM   588 C  CG   . LEU B 1 27 ? -3.599  1.354   -2.116  1.00 0.00 ? 26 LEU B CG   1 
ATOM   589 C  CD1  . LEU B 1 27 ? -2.660  1.675   -0.947  1.00 0.00 ? 26 LEU B CD1  1 
ATOM   590 C  CD2  . LEU B 1 27 ? -4.913  2.109   -1.988  1.00 0.00 ? 26 LEU B CD2  1 
ATOM   591 H  H    . LEU B 1 27 ? -1.365  1.501   -5.425  1.00 0.00 ? 26 LEU B H    1 
ATOM   592 N  N    . GLY B 1 28 ? -4.302  -0.130  -5.688  1.00 0.00 ? 27 GLY B N    1 
ATOM   593 C  CA   . GLY B 1 28 ? -5.307  -0.935  -6.407  1.00 0.00 ? 27 GLY B CA   1 
ATOM   594 C  C    . GLY B 1 28 ? -4.897  -2.409  -6.488  1.00 0.00 ? 27 GLY B C    1 
ATOM   595 O  O    . GLY B 1 28 ? -5.559  -3.263  -5.916  1.00 0.00 ? 27 GLY B O    1 
ATOM   596 H  H    . GLY B 1 28 ? -4.178  0.800   -6.056  1.00 0.00 ? 27 GLY B H    1 
ATOM   597 N  N    . GLU B 1 29 ? -3.689  -2.637  -6.996  1.00 0.00 ? 28 GLU B N    1 
ATOM   598 C  CA   . GLU B 1 29 ? -3.069  -3.971  -7.100  1.00 0.00 ? 28 GLU B CA   1 
ATOM   599 C  C    . GLU B 1 29 ? -2.853  -4.729  -5.770  1.00 0.00 ? 28 GLU B C    1 
ATOM   600 O  O    . GLU B 1 29 ? -2.911  -5.953  -5.767  1.00 0.00 ? 28 GLU B O    1 
ATOM   601 C  CB   . GLU B 1 29 ? -1.806  -3.901  -7.958  1.00 0.00 ? 28 GLU B CB   1 
ATOM   602 C  CG   . GLU B 1 29 ? -2.251  -3.683  -9.408  1.00 0.00 ? 28 GLU B CG   1 
ATOM   603 C  CD   . GLU B 1 29 ? -1.111  -3.306  -10.350 1.00 0.00 ? 28 GLU B CD   1 
ATOM   604 O  OE1  . GLU B 1 29 ? -0.773  -2.099  -10.365 1.00 0.00 ? 28 GLU B OE1  1 
ATOM   605 O  OE2  . GLU B 1 29 ? -0.655  -4.216  -11.080 1.00 0.00 ? 28 GLU B OE2  1 
ATOM   606 H  H    . GLU B 1 29 ? -3.194  -1.901  -7.460  1.00 0.00 ? 28 GLU B H    1 
ATOM   607 N  N    . ILE B 1 30 ? -2.621  -4.001  -4.669  1.00 0.00 ? 29 ILE B N    1 
ATOM   608 C  CA   . ILE B 1 30 ? -2.634  -4.578  -3.300  1.00 0.00 ? 29 ILE B CA   1 
ATOM   609 C  C    . ILE B 1 30 ? -4.095  -4.889  -2.880  1.00 0.00 ? 29 ILE B C    1 
ATOM   610 O  O    . ILE B 1 30 ? -4.446  -6.053  -2.679  1.00 0.00 ? 29 ILE B O    1 
ATOM   611 C  CB   . ILE B 1 30 ? -1.926  -3.694  -2.290  1.00 0.00 ? 29 ILE B CB   1 
ATOM   612 C  CG1  . ILE B 1 30 ? -0.535  -3.267  -2.787  1.00 0.00 ? 29 ILE B CG1  1 
ATOM   613 C  CG2  . ILE B 1 30 ? -1.748  -4.402  -0.934  1.00 0.00 ? 29 ILE B CG2  1 
ATOM   614 C  CD1  . ILE B 1 30 ? -0.104  -1.908  -2.219  1.00 0.00 ? 29 ILE B CD1  1 
ATOM   615 H  H    . ILE B 1 30 ? -2.242  -3.078  -4.728  1.00 0.00 ? 29 ILE B H    1 
ATOM   616 N  N    . LEU B 1 31 ? -4.915  -3.848  -2.839  1.00 0.00 ? 30 LEU B N    1 
ATOM   617 C  CA   . LEU B 1 31 ? -6.323  -3.912  -2.396  1.00 0.00 ? 30 LEU B CA   1 
ATOM   618 C  C    . LEU B 1 31 ? -7.299  -4.738  -3.264  1.00 0.00 ? 30 LEU B C    1 
ATOM   619 O  O    . LEU B 1 31 ? -8.429  -4.986  -2.847  1.00 0.00 ? 30 LEU B O    1 
ATOM   620 C  CB   . LEU B 1 31 ? -6.906  -2.529  -2.102  1.00 0.00 ? 30 LEU B CB   1 
ATOM   621 C  CG   . LEU B 1 31 ? -6.783  -2.280  -0.593  1.00 0.00 ? 30 LEU B CG   1 
ATOM   622 C  CD1  . LEU B 1 31 ? -5.746  -1.205  -0.287  1.00 0.00 ? 30 LEU B CD1  1 
ATOM   623 C  CD2  . LEU B 1 31 ? -8.151  -1.874  -0.023  1.00 0.00 ? 30 LEU B CD2  1 
ATOM   624 H  H    . LEU B 1 31 ? -4.634  -2.937  -3.155  1.00 0.00 ? 30 LEU B H    1 
ATOM   625 N  N    . ARG B 1 32 ? -6.780  -5.230  -4.393  1.00 0.00 ? 31 ARG B N    1 
ATOM   626 C  CA   . ARG B 1 32 ? -7.431  -6.178  -5.319  1.00 0.00 ? 31 ARG B CA   1 
ATOM   627 C  C    . ARG B 1 32 ? -8.236  -7.287  -4.626  1.00 0.00 ? 31 ARG B C    1 
ATOM   628 O  O    . ARG B 1 32 ? -9.463  -7.251  -4.605  1.00 0.00 ? 31 ARG B O    1 
ATOM   629 C  CB   . ARG B 1 32 ? -6.343  -6.807  -6.217  1.00 0.00 ? 31 ARG B CB   1 
ATOM   630 C  CG   . ARG B 1 32 ? -6.052  -6.054  -7.522  1.00 0.00 ? 31 ARG B CG   1 
ATOM   631 C  CD   . ARG B 1 32 ? -6.824  -6.583  -8.735  1.00 0.00 ? 31 ARG B CD   1 
ATOM   632 N  NE   . ARG B 1 32 ? -8.256  -6.255  -8.637  1.00 0.00 ? 31 ARG B NE   1 
ATOM   633 C  CZ   . ARG B 1 32 ? -9.222  -7.032  -8.143  1.00 0.00 ? 31 ARG B CZ   1 
ATOM   634 N  NH1  . ARG B 1 32 ? -9.001  -8.303  -7.805  1.00 0.00 ? 31 ARG B NH1  1 
ATOM   635 N  NH2  . ARG B 1 32 ? -10.245 -6.447  -7.553  1.00 0.00 ? 31 ARG B NH2  1 
ATOM   636 H  H    . ARG B 1 32 ? -5.957  -4.803  -4.774  1.00 0.00 ? 31 ARG B H    1 
ATOM   637 H  HE   . ARG B 1 32 ? -8.520  -5.364  -9.001  1.00 0.00 ? 31 ARG B HE   1 
ATOM   638 H  HH11 . ARG B 1 32 ? -8.092  -8.684  -7.926  1.00 0.00 ? 31 ARG B HH11 1 
ATOM   639 H  HH12 . ARG B 1 32 ? -9.740  -8.844  -7.418  1.00 0.00 ? 31 ARG B HH12 1 
ATOM   640 H  HH21 . ARG B 1 32 ? -10.306 -5.446  -7.518  1.00 0.00 ? 31 ARG B HH21 1 
ATOM   641 H  HH22 . ARG B 1 32 ? -10.868 -6.996  -6.996  1.00 0.00 ? 31 ARG B HH22 1 
ATOM   642 N  N    . ALA B 1 33 ? -7.520  -8.165  -3.918  1.00 0.00 ? 32 ALA B N    1 
ATOM   643 C  CA   . ALA B 1 33 ? -8.121  -9.313  -3.223  1.00 0.00 ? 32 ALA B CA   1 
ATOM   644 C  C    . ALA B 1 33 ? -9.150  -8.962  -2.130  1.00 0.00 ? 32 ALA B C    1 
ATOM   645 O  O    . ALA B 1 33 ? -10.214 -9.562  -2.044  1.00 0.00 ? 32 ALA B O    1 
ATOM   646 C  CB   . ALA B 1 33 ? -7.015  -10.195 -2.628  1.00 0.00 ? 32 ALA B CB   1 
ATOM   647 H  H    . ALA B 1 33 ? -6.529  -8.118  -3.891  1.00 0.00 ? 32 ALA B H    1 
ATOM   648 N  N    . THR B 1 34 ? -8.896  -7.823  -1.507  1.00 0.00 ? 33 THR B N    1 
ATOM   649 C  CA   . THR B 1 34 ? -9.683  -7.251  -0.403  1.00 0.00 ? 33 THR B CA   1 
ATOM   650 C  C    . THR B 1 34 ? -10.814 -6.326  -0.875  1.00 0.00 ? 33 THR B C    1 
ATOM   651 O  O    . THR B 1 34 ? -10.916 -5.177  -0.451  1.00 0.00 ? 33 THR B O    1 
ATOM   652 C  CB   . THR B 1 34 ? -8.715  -6.519  0.532   1.00 0.00 ? 33 THR B CB   1 
ATOM   653 O  OG1  . THR B 1 34 ? -7.837  -5.677  -0.231  1.00 0.00 ? 33 THR B OG1  1 
ATOM   654 C  CG2  . THR B 1 34 ? -7.920  -7.486  1.419   1.00 0.00 ? 33 THR B CG2  1 
ATOM   655 H  H    . THR B 1 34 ? -8.137  -7.237  -1.782  1.00 0.00 ? 33 THR B H    1 
ATOM   656 H  HG1  . THR B 1 34 ? -8.405  -5.087  -0.828  1.00 0.00 ? 33 THR B HG1  1 
ATOM   657 N  N    . GLY B 1 35 ? -11.568 -6.824  -1.855  1.00 0.00 ? 34 GLY B N    1 
ATOM   658 C  CA   . GLY B 1 35 ? -12.839 -6.258  -2.353  1.00 0.00 ? 34 GLY B CA   1 
ATOM   659 C  C    . GLY B 1 35 ? -12.793 -4.784  -2.785  1.00 0.00 ? 34 GLY B C    1 
ATOM   660 O  O    . GLY B 1 35 ? -12.160 -4.392  -3.760  1.00 0.00 ? 34 GLY B O    1 
ATOM   661 H  H    . GLY B 1 35 ? -11.243 -7.631  -2.365  1.00 0.00 ? 34 GLY B H    1 
HETATM 662 N  N    . NH2 B 1 36 ? -13.713 -4.010  -2.250  1.00 0.00 ? 35 NH2 B N    1 
HETATM 663 H  HN1  . NH2 B 1 36 ? -13.879 -3.136  -2.684  1.00 0.00 ? 35 NH2 B HN1  1 
HETATM 664 H  HN2  . NH2 B 1 36 ? -14.114 -4.253  -1.364  1.00 0.00 ? 35 NH2 B HN2  1 
HETATM 665 CA CA   . CA  C 2 .  ? 1.999   7.961   2.961   1.00 0.00 ? 69 CA  A CA   1 
HETATM 666 CA CA   . CA  D 2 .  ? 5.968   2.524   -6.748  1.00 0.00 ? 70 CA  B CA   1 
# 
